data_7OTJ
#
_entry.id   7OTJ
#
_cell.length_a   198.973
_cell.length_b   79.960
_cell.length_c   94.110
_cell.angle_alpha   90.000
_cell.angle_beta   117.279
_cell.angle_gamma   90.000
#
_symmetry.space_group_name_H-M   'C 1 2 1'
#
loop_
_entity.id
_entity.type
_entity.pdbx_description
1 polymer 'ATP-dependent DNA helicase PIF1'
2 polymer "DNA (5'-D(P*TP*TP*TP*TP*TP*T)-3')"
3 non-polymer "ADENOSINE-5'-DIPHOSPHATE"
4 non-polymer 'TETRAFLUOROALUMINATE ION'
5 non-polymer 'MAGNESIUM ION'
6 non-polymer 'POTASSIUM ION'
7 non-polymer 'PHOSPHATE ION'
8 water water
#
loop_
_entity_poly.entity_id
_entity_poly.type
_entity_poly.pdbx_seq_one_letter_code
_entity_poly.pdbx_strand_id
1 'polypeptide(L)'
;MIILSNEQEYVLKQVLSGVSLFYTGSAGTGKSVLLRSIIKSLRDKYPKGVAVTASTGLAACNIGGITLHSFAGFGLGQGK
VENLIKKIKRNKKAFTRWRETRVLIIDEISMVDGHLLNKLNEIAKNLRRNNRPFGGIQLVACGDFYQLPPVVKKTAHDGT
ELDDVEVFFAFESSAWKETIQRTITLKEIFRQKGDQRFIDMLNNLRDGNVPDDTARDFCRLSRPLKCPEGIVPSELYATR
YEVDMANSRKLNTIQGDVVVYNSVDTGILPEPQKTQVLTNFLAPQVLNLKVGAQVMCIKNFDDQLVNGTLGKVIDFVDRD
TYMKSESKENPSTETSDEVSGLNDYIFNDFQKPKKVVKEDAPIAEQVLFTGQLSQKVEDESESSKRKSKLKDDLMKDYKN
KKYPLVKFLLPDGITFRTVVVEPEQWTTEDEDGTVLVSRIQFPLILAWSLSIHKSQGQTLSKVVVDMKKIFENGQAYVAL
SRAVSRAGLQVLNFNRSKVASHRKVIEFYKNLSSHEKE
;
A,B
2 'polydeoxyribonucleotide' (DT)(DT)(DT)(DT)(DT)(DT) C,D
#
# COMPACT_ATOMS: atom_id res chain seq x y z
N MET A 1 -29.21 -29.59 -15.11
CA MET A 1 -30.21 -28.92 -14.28
C MET A 1 -31.02 -27.89 -15.06
N ILE A 2 -30.33 -26.88 -15.59
CA ILE A 2 -30.95 -25.74 -16.27
C ILE A 2 -30.58 -25.80 -17.74
N ILE A 3 -31.58 -25.70 -18.61
CA ILE A 3 -31.35 -25.50 -20.04
C ILE A 3 -31.16 -24.01 -20.31
N LEU A 4 -30.09 -23.66 -21.00
CA LEU A 4 -29.86 -22.25 -21.34
C LEU A 4 -30.84 -21.79 -22.41
N SER A 5 -31.41 -20.61 -22.21
CA SER A 5 -32.24 -19.99 -23.25
C SER A 5 -31.41 -19.68 -24.49
N ASN A 6 -32.12 -19.34 -25.57
CA ASN A 6 -31.43 -18.94 -26.79
C ASN A 6 -30.69 -17.62 -26.61
N GLU A 7 -31.18 -16.74 -25.72
CA GLU A 7 -30.41 -15.55 -25.40
C GLU A 7 -29.15 -15.91 -24.62
N GLN A 8 -29.27 -16.79 -23.62
CA GLN A 8 -28.10 -17.22 -22.85
C GLN A 8 -27.10 -17.94 -23.74
N GLU A 9 -27.58 -18.80 -24.64
CA GLU A 9 -26.68 -19.49 -25.56
C GLU A 9 -25.95 -18.50 -26.47
N TYR A 10 -26.65 -17.44 -26.91
CA TYR A 10 -26.04 -16.48 -27.82
C TYR A 10 -24.88 -15.75 -27.14
N VAL A 11 -25.06 -15.36 -25.88
CA VAL A 11 -23.99 -14.72 -25.11
C VAL A 11 -22.82 -15.69 -24.98
N LEU A 12 -23.10 -16.92 -24.53
CA LEU A 12 -22.06 -17.93 -24.43
C LEU A 12 -21.30 -18.09 -25.74
N LYS A 13 -22.02 -18.09 -26.86
CA LYS A 13 -21.39 -18.19 -28.18
C LYS A 13 -20.42 -17.04 -28.41
N GLN A 14 -20.82 -15.82 -28.05
CA GLN A 14 -19.95 -14.67 -28.25
C GLN A 14 -18.72 -14.75 -27.36
N VAL A 15 -18.90 -15.12 -26.09
CA VAL A 15 -17.78 -15.21 -25.18
C VAL A 15 -16.76 -16.23 -25.67
N LEU A 16 -17.23 -17.39 -26.14
CA LEU A 16 -16.33 -18.41 -26.64
C LEU A 16 -15.64 -18.02 -27.93
N SER A 17 -16.10 -16.97 -28.61
CA SER A 17 -15.43 -16.49 -29.81
C SER A 17 -14.25 -15.58 -29.52
N GLY A 18 -14.04 -15.20 -28.25
CA GLY A 18 -12.91 -14.43 -27.81
C GLY A 18 -13.18 -12.95 -27.65
N VAL A 19 -14.37 -12.47 -28.01
CA VAL A 19 -14.67 -11.05 -27.93
C VAL A 19 -14.75 -10.62 -26.47
N SER A 20 -14.13 -9.50 -26.15
CA SER A 20 -14.30 -8.87 -24.86
C SER A 20 -15.64 -8.15 -24.83
N LEU A 21 -16.48 -8.47 -23.85
CA LEU A 21 -17.83 -7.96 -23.87
C LEU A 21 -18.38 -7.80 -22.47
N PHE A 22 -19.46 -7.05 -22.39
CA PHE A 22 -20.27 -6.88 -21.19
C PHE A 22 -21.68 -7.32 -21.53
N TYR A 23 -22.23 -8.23 -20.73
CA TYR A 23 -23.62 -8.62 -20.93
C TYR A 23 -24.41 -8.33 -19.67
N THR A 24 -25.62 -7.80 -19.87
CA THR A 24 -26.41 -7.26 -18.78
C THR A 24 -27.86 -7.74 -18.84
N GLY A 25 -28.68 -7.22 -17.94
CA GLY A 25 -30.08 -7.61 -17.83
C GLY A 25 -30.55 -7.41 -16.41
N SER A 26 -31.87 -7.39 -16.25
CA SER A 26 -32.47 -7.10 -14.95
C SER A 26 -32.10 -8.20 -13.94
N ALA A 27 -32.45 -7.94 -12.68
CA ALA A 27 -32.19 -8.91 -11.62
C ALA A 27 -32.85 -10.24 -11.94
N GLY A 28 -32.10 -11.33 -11.77
CA GLY A 28 -32.68 -12.65 -11.94
C GLY A 28 -32.83 -13.11 -13.38
N THR A 29 -32.14 -12.47 -14.32
CA THR A 29 -32.23 -12.84 -15.72
C THR A 29 -31.32 -14.02 -16.08
N GLY A 30 -30.75 -14.71 -15.09
CA GLY A 30 -29.89 -15.84 -15.37
C GLY A 30 -28.49 -15.48 -15.80
N LYS A 31 -27.98 -14.32 -15.38
CA LYS A 31 -26.65 -13.91 -15.78
C LYS A 31 -25.58 -14.80 -15.15
N SER A 32 -25.67 -15.03 -13.83
CA SER A 32 -24.65 -15.84 -13.17
C SER A 32 -24.77 -17.30 -13.54
N VAL A 33 -26.00 -17.79 -13.73
CA VAL A 33 -26.17 -19.17 -14.18
C VAL A 33 -25.48 -19.38 -15.51
N LEU A 34 -25.67 -18.44 -16.44
CA LEU A 34 -24.94 -18.48 -17.71
C LEU A 34 -23.44 -18.37 -17.47
N LEU A 35 -23.03 -17.48 -16.56
CA LEU A 35 -21.62 -17.27 -16.26
C LEU A 35 -20.94 -18.57 -15.85
N ARG A 36 -21.62 -19.39 -15.03
CA ARG A 36 -21.03 -20.67 -14.63
C ARG A 36 -20.85 -21.59 -15.82
N SER A 37 -21.75 -21.52 -16.81
CA SER A 37 -21.55 -22.29 -18.03
C SER A 37 -20.39 -21.73 -18.85
N ILE A 38 -20.30 -20.39 -18.92
CA ILE A 38 -19.15 -19.76 -19.58
C ILE A 38 -17.85 -20.28 -18.98
N ILE A 39 -17.78 -20.31 -17.65
CA ILE A 39 -16.57 -20.75 -16.94
C ILE A 39 -16.22 -22.19 -17.33
N LYS A 40 -17.20 -23.10 -17.26
CA LYS A 40 -16.96 -24.50 -17.58
C LYS A 40 -16.42 -24.66 -19.00
N SER A 41 -17.06 -24.00 -19.97
CA SER A 41 -16.64 -24.10 -21.36
C SER A 41 -15.27 -23.47 -21.56
N LEU A 42 -15.08 -22.24 -21.06
CA LEU A 42 -13.80 -21.55 -21.22
C LEU A 42 -12.65 -22.31 -20.56
N ARG A 43 -12.94 -23.20 -19.60
CA ARG A 43 -11.88 -23.90 -18.89
C ARG A 43 -11.49 -25.21 -19.54
N ASP A 44 -12.39 -25.84 -20.31
CA ASP A 44 -11.98 -26.88 -21.23
C ASP A 44 -10.87 -26.38 -22.15
N LYS A 45 -10.98 -25.13 -22.59
CA LYS A 45 -10.01 -24.55 -23.52
C LYS A 45 -8.75 -24.07 -22.79
N TYR A 46 -8.91 -23.14 -21.84
CA TYR A 46 -7.79 -22.61 -21.07
C TYR A 46 -7.90 -23.11 -19.62
N PRO A 47 -7.31 -24.25 -19.28
CA PRO A 47 -7.58 -24.84 -17.97
C PRO A 47 -7.05 -24.00 -16.81
N LYS A 48 -5.96 -23.27 -17.01
CA LYS A 48 -5.36 -22.48 -15.94
C LYS A 48 -5.39 -20.99 -16.25
N GLY A 49 -6.21 -20.56 -17.20
CA GLY A 49 -6.15 -19.18 -17.65
C GLY A 49 -7.46 -18.43 -17.58
N VAL A 50 -8.39 -18.92 -16.76
CA VAL A 50 -9.69 -18.27 -16.61
C VAL A 50 -9.75 -17.73 -15.19
N ALA A 51 -9.84 -16.41 -15.08
CA ALA A 51 -9.91 -15.71 -13.80
C ALA A 51 -11.39 -15.41 -13.50
N VAL A 52 -11.95 -16.07 -12.48
CA VAL A 52 -13.33 -15.85 -12.06
C VAL A 52 -13.35 -14.86 -10.90
N THR A 53 -14.09 -13.77 -11.04
CA THR A 53 -14.08 -12.69 -10.06
C THR A 53 -15.44 -12.02 -10.00
N ALA A 54 -15.71 -11.43 -8.84
CA ALA A 54 -16.90 -10.61 -8.64
C ALA A 54 -16.52 -9.46 -7.71
N SER A 55 -17.39 -8.46 -7.65
CA SER A 55 -17.08 -7.25 -6.89
C SER A 55 -17.10 -7.49 -5.39
N THR A 56 -17.92 -8.44 -4.91
CA THR A 56 -17.98 -8.75 -3.49
C THR A 56 -17.63 -10.22 -3.25
N GLY A 57 -17.30 -10.53 -2.00
CA GLY A 57 -16.90 -11.89 -1.67
C GLY A 57 -18.01 -12.90 -1.87
N LEU A 58 -19.22 -12.56 -1.42
CA LEU A 58 -20.33 -13.50 -1.51
C LEU A 58 -20.76 -13.70 -2.96
N ALA A 59 -20.74 -12.63 -3.77
CA ALA A 59 -21.06 -12.77 -5.18
C ALA A 59 -20.01 -13.56 -5.94
N ALA A 60 -18.77 -13.60 -5.43
CA ALA A 60 -17.74 -14.42 -6.06
C ALA A 60 -17.95 -15.89 -5.74
N CYS A 61 -18.32 -16.21 -4.49
CA CYS A 61 -18.64 -17.58 -4.14
C CYS A 61 -19.81 -18.10 -4.96
N ASN A 62 -20.72 -17.22 -5.36
CA ASN A 62 -21.87 -17.63 -6.14
C ASN A 62 -21.48 -18.15 -7.52
N ILE A 63 -20.26 -17.87 -7.98
CA ILE A 63 -19.81 -18.37 -9.28
C ILE A 63 -18.48 -19.09 -9.11
N GLY A 64 -18.18 -19.52 -7.90
CA GLY A 64 -16.94 -20.24 -7.63
C GLY A 64 -15.69 -19.42 -7.91
N GLY A 65 -15.68 -18.16 -7.49
CA GLY A 65 -14.54 -17.31 -7.74
C GLY A 65 -14.04 -16.59 -6.51
N ILE A 66 -13.27 -15.52 -6.75
CA ILE A 66 -12.68 -14.72 -5.70
C ILE A 66 -12.93 -13.25 -6.05
N THR A 67 -12.71 -12.37 -5.08
CA THR A 67 -12.97 -10.98 -5.35
C THR A 67 -12.01 -10.45 -6.41
N LEU A 68 -12.44 -9.36 -7.06
CA LEU A 68 -11.56 -8.68 -8.01
C LEU A 68 -10.28 -8.22 -7.32
N HIS A 69 -10.41 -7.63 -6.13
CA HIS A 69 -9.23 -7.16 -5.42
C HIS A 69 -8.28 -8.31 -5.09
N SER A 70 -8.83 -9.44 -4.64
CA SER A 70 -7.99 -10.58 -4.28
C SER A 70 -7.26 -11.13 -5.50
N PHE A 71 -7.93 -11.14 -6.66
CA PHE A 71 -7.29 -11.65 -7.87
C PHE A 71 -6.09 -10.79 -8.26
N ALA A 72 -6.20 -9.48 -8.07
CA ALA A 72 -5.18 -8.57 -8.56
C ALA A 72 -3.89 -8.69 -7.75
N GLY A 73 -4.01 -8.88 -6.45
CA GLY A 73 -2.87 -8.71 -5.57
C GLY A 73 -2.72 -7.31 -5.02
N PHE A 74 -3.78 -6.49 -5.16
CA PHE A 74 -3.71 -5.07 -4.82
C PHE A 74 -3.67 -4.84 -3.33
N GLY A 75 -4.22 -5.77 -2.55
CA GLY A 75 -4.70 -5.39 -1.25
C GLY A 75 -5.95 -4.58 -1.56
N LEU A 76 -5.95 -3.30 -1.19
CA LEU A 76 -7.06 -2.43 -1.53
C LEU A 76 -6.84 -1.65 -2.82
N GLY A 77 -5.62 -1.66 -3.35
CA GLY A 77 -5.31 -0.97 -4.58
C GLY A 77 -5.49 0.53 -4.53
N GLN A 78 -5.01 1.15 -3.45
CA GLN A 78 -5.32 2.55 -3.21
C GLN A 78 -4.27 3.52 -3.74
N GLY A 79 -3.00 3.14 -3.72
CA GLY A 79 -1.96 4.04 -4.16
C GLY A 79 -1.90 4.28 -5.65
N LYS A 80 -0.73 4.65 -6.14
CA LYS A 80 -0.54 4.88 -7.56
C LYS A 80 -0.08 3.61 -8.25
N VAL A 81 -0.40 3.52 -9.54
CA VAL A 81 -0.20 2.28 -10.30
C VAL A 81 1.28 1.86 -10.24
N GLU A 82 2.19 2.82 -10.24
CA GLU A 82 3.61 2.47 -10.16
C GLU A 82 3.92 1.67 -8.89
N ASN A 83 3.25 1.98 -7.78
CA ASN A 83 3.48 1.25 -6.55
C ASN A 83 2.73 -0.07 -6.53
N LEU A 84 1.47 -0.06 -7.00
CA LEU A 84 0.69 -1.29 -7.10
C LEU A 84 1.41 -2.35 -7.91
N ILE A 85 2.12 -1.94 -8.97
CA ILE A 85 2.81 -2.90 -9.83
C ILE A 85 3.95 -3.56 -9.06
N LYS A 86 4.70 -2.79 -8.27
CA LYS A 86 5.79 -3.38 -7.50
C LYS A 86 5.24 -4.36 -6.46
N LYS A 87 4.14 -4.01 -5.80
CA LYS A 87 3.55 -4.91 -4.81
C LYS A 87 3.14 -6.23 -5.46
N ILE A 88 2.46 -6.15 -6.61
CA ILE A 88 2.02 -7.37 -7.29
C ILE A 88 3.22 -8.19 -7.76
N LYS A 89 4.32 -7.53 -8.13
CA LYS A 89 5.49 -8.26 -8.57
C LYS A 89 6.18 -8.98 -7.42
N ARG A 90 6.02 -8.50 -6.18
CA ARG A 90 6.55 -9.21 -5.02
C ARG A 90 5.75 -10.46 -4.71
N ASN A 91 4.43 -10.42 -4.93
CA ASN A 91 3.56 -11.59 -4.79
C ASN A 91 3.73 -12.45 -6.04
N LYS A 92 4.70 -13.36 -6.01
CA LYS A 92 4.98 -14.17 -7.18
C LYS A 92 3.82 -15.10 -7.53
N LYS A 93 2.93 -15.37 -6.58
CA LYS A 93 1.73 -16.13 -6.91
C LYS A 93 0.76 -15.28 -7.75
N ALA A 94 0.57 -14.03 -7.36
CA ALA A 94 -0.31 -13.15 -8.12
C ALA A 94 0.34 -12.68 -9.41
N PHE A 95 1.65 -12.44 -9.39
CA PHE A 95 2.33 -12.04 -10.61
C PHE A 95 2.23 -13.12 -11.68
N THR A 96 2.42 -14.38 -11.27
CA THR A 96 2.27 -15.47 -12.23
C THR A 96 0.84 -15.54 -12.76
N ARG A 97 -0.14 -15.35 -11.88
CA ARG A 97 -1.55 -15.42 -12.28
C ARG A 97 -1.89 -14.33 -13.28
N TRP A 98 -1.31 -13.14 -13.10
CA TRP A 98 -1.53 -12.05 -14.06
C TRP A 98 -1.00 -12.41 -15.44
N ARG A 99 0.06 -13.23 -15.52
CA ARG A 99 0.61 -13.57 -16.83
C ARG A 99 -0.05 -14.79 -17.45
N GLU A 100 -0.55 -15.71 -16.64
CA GLU A 100 -1.21 -16.91 -17.15
C GLU A 100 -2.69 -16.71 -17.44
N THR A 101 -3.26 -15.56 -17.07
CA THR A 101 -4.70 -15.33 -17.27
C THR A 101 -4.99 -15.00 -18.73
N ARG A 102 -5.98 -15.69 -19.30
CA ARG A 102 -6.46 -15.42 -20.65
C ARG A 102 -7.80 -14.72 -20.69
N VAL A 103 -8.70 -15.03 -19.76
CA VAL A 103 -10.01 -14.40 -19.69
C VAL A 103 -10.20 -13.91 -18.26
N LEU A 104 -10.73 -12.70 -18.13
CA LEU A 104 -11.06 -12.13 -16.82
C LEU A 104 -12.55 -11.91 -16.77
N ILE A 105 -13.23 -12.68 -15.91
CA ILE A 105 -14.66 -12.58 -15.68
C ILE A 105 -14.87 -11.72 -14.44
N ILE A 106 -15.76 -10.73 -14.53
CA ILE A 106 -16.11 -9.88 -13.41
C ILE A 106 -17.62 -9.87 -13.29
N ASP A 107 -18.16 -10.62 -12.34
CA ASP A 107 -19.59 -10.58 -12.07
C ASP A 107 -19.88 -9.40 -11.13
N GLU A 108 -21.14 -8.97 -11.13
CA GLU A 108 -21.58 -7.82 -10.36
C GLU A 108 -20.70 -6.60 -10.63
N ILE A 109 -20.59 -6.27 -11.91
CA ILE A 109 -19.73 -5.19 -12.36
C ILE A 109 -20.18 -3.83 -11.83
N SER A 110 -21.44 -3.73 -11.38
CA SER A 110 -21.97 -2.42 -11.00
C SER A 110 -21.22 -1.83 -9.82
N MET A 111 -20.71 -2.67 -8.93
CA MET A 111 -20.00 -2.23 -7.74
C MET A 111 -18.50 -2.08 -7.96
N VAL A 112 -18.02 -2.27 -9.19
CA VAL A 112 -16.61 -2.08 -9.50
C VAL A 112 -16.38 -0.63 -9.90
N ASP A 113 -15.45 0.03 -9.21
CA ASP A 113 -15.15 1.44 -9.49
C ASP A 113 -14.36 1.57 -10.78
N GLY A 114 -14.71 2.58 -11.58
CA GLY A 114 -14.01 2.81 -12.84
C GLY A 114 -12.57 3.20 -12.65
N HIS A 115 -12.24 3.85 -11.53
CA HIS A 115 -10.84 4.15 -11.26
C HIS A 115 -10.07 2.88 -10.94
N LEU A 116 -10.71 1.94 -10.23
CA LEU A 116 -10.07 0.65 -10.00
C LEU A 116 -9.84 -0.06 -11.33
N LEU A 117 -10.83 -0.01 -12.22
CA LEU A 117 -10.72 -0.70 -13.50
C LEU A 117 -9.61 -0.12 -14.36
N ASN A 118 -9.40 1.20 -14.29
CA ASN A 118 -8.31 1.83 -15.04
C ASN A 118 -6.94 1.40 -14.51
N LYS A 119 -6.81 1.24 -13.19
CA LYS A 119 -5.58 0.70 -12.63
C LYS A 119 -5.36 -0.74 -13.07
N LEU A 120 -6.41 -1.57 -13.00
CA LEU A 120 -6.29 -2.94 -13.46
C LEU A 120 -5.86 -2.98 -14.93
N ASN A 121 -6.40 -2.08 -15.74
CA ASN A 121 -6.02 -2.02 -17.15
C ASN A 121 -4.53 -1.75 -17.32
N GLU A 122 -4.03 -0.70 -16.65
CA GLU A 122 -2.61 -0.35 -16.74
C GLU A 122 -1.73 -1.46 -16.19
N ILE A 123 -2.18 -2.12 -15.12
CA ILE A 123 -1.37 -3.18 -14.52
C ILE A 123 -1.31 -4.38 -15.43
N ALA A 124 -2.44 -4.72 -16.05
CA ALA A 124 -2.46 -5.81 -17.03
C ALA A 124 -1.44 -5.58 -18.13
N LYS A 125 -1.46 -4.40 -18.74
CA LYS A 125 -0.52 -4.10 -19.82
C LYS A 125 0.92 -4.20 -19.33
N ASN A 126 1.21 -3.60 -18.17
CA ASN A 126 2.60 -3.54 -17.70
C ASN A 126 3.15 -4.93 -17.39
N LEU A 127 2.45 -5.68 -16.55
CA LEU A 127 2.96 -6.97 -16.11
C LEU A 127 3.11 -7.96 -17.27
N ARG A 128 2.29 -7.81 -18.31
CA ARG A 128 2.28 -8.75 -19.42
C ARG A 128 3.06 -8.27 -20.64
N ARG A 129 3.66 -7.08 -20.58
CA ARG A 129 4.36 -6.48 -21.72
C ARG A 129 3.48 -6.46 -22.97
N ASN A 130 2.20 -6.20 -22.76
CA ASN A 130 1.18 -6.31 -23.80
C ASN A 130 0.37 -5.02 -23.82
N ASN A 131 0.43 -4.29 -24.94
CA ASN A 131 -0.25 -3.00 -25.04
C ASN A 131 -1.68 -3.11 -25.55
N ARG A 132 -2.17 -4.33 -25.80
CA ARG A 132 -3.58 -4.52 -26.11
C ARG A 132 -4.43 -4.09 -24.92
N PRO A 133 -5.73 -3.83 -25.16
CA PRO A 133 -6.64 -3.59 -24.04
C PRO A 133 -6.55 -4.72 -23.01
N PHE A 134 -6.41 -4.33 -21.74
CA PHE A 134 -6.23 -5.26 -20.63
C PHE A 134 -5.08 -6.22 -20.90
N GLY A 135 -4.05 -5.74 -21.60
CA GLY A 135 -2.88 -6.56 -21.87
C GLY A 135 -3.19 -7.86 -22.57
N GLY A 136 -4.20 -7.86 -23.43
CA GLY A 136 -4.59 -9.03 -24.20
C GLY A 136 -5.60 -9.93 -23.53
N ILE A 137 -5.90 -9.70 -22.25
CA ILE A 137 -6.86 -10.53 -21.53
C ILE A 137 -8.25 -10.26 -22.07
N GLN A 138 -9.02 -11.32 -22.31
CA GLN A 138 -10.41 -11.16 -22.70
C GLN A 138 -11.22 -10.75 -21.47
N LEU A 139 -11.85 -9.58 -21.53
CA LEU A 139 -12.65 -9.08 -20.42
C LEU A 139 -14.10 -9.50 -20.63
N VAL A 140 -14.68 -10.14 -19.63
CA VAL A 140 -16.09 -10.54 -19.65
C VAL A 140 -16.74 -9.92 -18.43
N ALA A 141 -17.40 -8.78 -18.62
CA ALA A 141 -18.10 -8.08 -17.55
C ALA A 141 -19.56 -8.52 -17.52
N CYS A 142 -20.08 -8.69 -16.31
CA CYS A 142 -21.43 -9.21 -16.14
C CYS A 142 -22.08 -8.51 -14.95
N GLY A 143 -23.27 -7.95 -15.16
CA GLY A 143 -23.97 -7.32 -14.05
C GLY A 143 -25.07 -6.40 -14.55
N ASP A 144 -25.46 -5.48 -13.67
CA ASP A 144 -26.62 -4.63 -13.89
C ASP A 144 -26.35 -3.31 -13.20
N PHE A 145 -26.17 -2.24 -13.98
CA PHE A 145 -25.82 -0.96 -13.38
C PHE A 145 -27.01 -0.28 -12.69
N TYR A 146 -28.24 -0.79 -12.86
CA TYR A 146 -29.36 -0.31 -12.03
C TYR A 146 -29.28 -0.85 -10.61
N GLN A 147 -28.36 -1.76 -10.35
CA GLN A 147 -28.11 -2.32 -9.02
C GLN A 147 -27.05 -1.46 -8.33
N LEU A 148 -26.53 -1.93 -7.20
CA LEU A 148 -25.77 -1.05 -6.32
C LEU A 148 -24.55 -0.45 -7.04
N PRO A 149 -24.30 0.85 -6.89
CA PRO A 149 -23.12 1.47 -7.51
C PRO A 149 -21.87 1.16 -6.70
N PRO A 150 -20.69 1.52 -7.20
CA PRO A 150 -19.47 1.35 -6.38
C PRO A 150 -19.58 2.09 -5.06
N VAL A 151 -19.01 1.49 -4.02
CA VAL A 151 -19.08 2.08 -2.68
C VAL A 151 -18.14 3.27 -2.60
N VAL A 152 -18.66 4.41 -2.16
CA VAL A 152 -17.86 5.61 -1.96
C VAL A 152 -17.83 5.94 -0.46
N LYS A 153 -16.99 6.90 -0.10
CA LYS A 153 -16.78 7.30 1.30
C LYS A 153 -18.08 7.63 2.04
N VAL A 165 -18.62 14.26 -9.81
CA VAL A 165 -19.23 13.19 -9.03
C VAL A 165 -18.17 12.19 -8.57
N GLU A 166 -18.11 11.95 -7.26
CA GLU A 166 -17.16 10.98 -6.72
C GLU A 166 -17.44 9.58 -7.28
N VAL A 167 -18.71 9.23 -7.47
CA VAL A 167 -19.08 7.91 -7.96
C VAL A 167 -18.69 7.82 -9.43
N PHE A 168 -17.71 6.97 -9.72
CA PHE A 168 -17.16 6.77 -11.06
C PHE A 168 -17.53 5.37 -11.52
N PHE A 169 -18.60 5.27 -12.31
CA PHE A 169 -19.07 3.95 -12.73
C PHE A 169 -18.07 3.28 -13.68
N ALA A 170 -18.20 1.96 -13.79
CA ALA A 170 -17.24 1.20 -14.59
C ALA A 170 -17.34 1.59 -16.07
N PHE A 171 -18.55 1.85 -16.57
CA PHE A 171 -18.76 2.18 -17.97
C PHE A 171 -18.22 3.55 -18.35
N GLU A 172 -17.75 4.33 -17.39
CA GLU A 172 -17.15 5.63 -17.69
C GLU A 172 -15.64 5.56 -17.86
N SER A 173 -15.01 4.51 -17.34
CA SER A 173 -13.56 4.42 -17.37
C SER A 173 -13.05 4.33 -18.80
N SER A 174 -11.85 4.88 -19.01
CA SER A 174 -11.18 4.68 -20.29
C SER A 174 -10.94 3.20 -20.55
N ALA A 175 -10.68 2.43 -19.48
CA ALA A 175 -10.47 0.98 -19.63
C ALA A 175 -11.69 0.34 -20.25
N TRP A 176 -12.88 0.63 -19.73
CA TRP A 176 -14.11 0.06 -20.25
C TRP A 176 -14.27 0.37 -21.74
N LYS A 177 -14.07 1.63 -22.13
CA LYS A 177 -14.40 2.05 -23.49
C LYS A 177 -13.47 1.43 -24.52
N GLU A 178 -12.22 1.17 -24.16
CA GLU A 178 -11.29 0.58 -25.12
C GLU A 178 -11.31 -0.94 -25.11
N THR A 179 -11.88 -1.58 -24.08
CA THR A 179 -11.88 -3.02 -23.99
C THR A 179 -13.22 -3.66 -24.37
N ILE A 180 -14.32 -3.17 -23.80
CA ILE A 180 -15.64 -3.75 -24.07
C ILE A 180 -15.97 -3.51 -25.55
N GLN A 181 -16.16 -4.60 -26.28
CA GLN A 181 -16.46 -4.51 -27.70
C GLN A 181 -17.93 -4.69 -28.04
N ARG A 182 -18.71 -5.26 -27.14
CA ARG A 182 -20.10 -5.60 -27.43
C ARG A 182 -20.85 -5.64 -26.11
N THR A 183 -22.11 -5.21 -26.17
CA THR A 183 -23.02 -5.28 -25.04
C THR A 183 -24.24 -6.09 -25.45
N ILE A 184 -24.57 -7.11 -24.66
CA ILE A 184 -25.72 -7.97 -24.92
C ILE A 184 -26.63 -7.91 -23.69
N THR A 185 -27.94 -7.85 -23.94
CA THR A 185 -28.93 -7.70 -22.88
C THR A 185 -29.80 -8.95 -22.83
N LEU A 186 -29.76 -9.66 -21.70
CA LEU A 186 -30.73 -10.70 -21.41
C LEU A 186 -32.04 -10.07 -20.96
N LYS A 187 -33.16 -10.60 -21.46
CA LYS A 187 -34.45 -9.97 -21.23
C LYS A 187 -35.44 -10.81 -20.43
N GLU A 188 -35.27 -12.13 -20.35
CA GLU A 188 -36.24 -12.99 -19.68
C GLU A 188 -35.88 -13.17 -18.21
N ILE A 189 -36.79 -12.78 -17.32
CA ILE A 189 -36.56 -12.85 -15.88
C ILE A 189 -37.02 -14.21 -15.39
N PHE A 190 -36.10 -14.96 -14.76
CA PHE A 190 -36.36 -16.30 -14.24
C PHE A 190 -36.71 -16.33 -12.75
N ARG A 191 -36.07 -15.48 -11.94
CA ARG A 191 -36.21 -15.58 -10.49
C ARG A 191 -37.67 -15.43 -10.05
N GLN A 192 -38.41 -14.49 -10.63
CA GLN A 192 -39.80 -14.26 -10.27
C GLN A 192 -40.76 -14.66 -11.39
N LYS A 193 -40.34 -15.60 -12.24
CA LYS A 193 -41.04 -15.86 -13.50
C LYS A 193 -42.51 -16.22 -13.28
N GLY A 194 -42.85 -16.78 -12.12
CA GLY A 194 -44.21 -17.23 -11.88
C GLY A 194 -45.21 -16.11 -11.71
N ASP A 195 -44.75 -14.89 -11.42
CA ASP A 195 -45.64 -13.81 -11.00
C ASP A 195 -45.35 -12.59 -11.86
N GLN A 196 -46.13 -12.42 -12.92
CA GLN A 196 -45.82 -11.36 -13.88
C GLN A 196 -45.99 -9.99 -13.27
N ARG A 197 -47.00 -9.82 -12.41
CA ARG A 197 -47.18 -8.54 -11.72
C ARG A 197 -45.99 -8.19 -10.87
N PHE A 198 -45.45 -9.18 -10.14
CA PHE A 198 -44.24 -8.96 -9.36
C PHE A 198 -43.10 -8.48 -10.25
N ILE A 199 -42.95 -9.09 -11.44
CA ILE A 199 -41.90 -8.67 -12.37
C ILE A 199 -42.13 -7.23 -12.82
N ASP A 200 -43.39 -6.87 -13.12
CA ASP A 200 -43.68 -5.48 -13.50
C ASP A 200 -43.31 -4.52 -12.38
N MET A 201 -43.62 -4.89 -11.12
CA MET A 201 -43.33 -4.01 -9.99
C MET A 201 -41.82 -3.83 -9.82
N LEU A 202 -41.07 -4.92 -9.85
CA LEU A 202 -39.62 -4.85 -9.77
C LEU A 202 -39.03 -4.01 -10.91
N ASN A 203 -39.50 -4.22 -12.14
CA ASN A 203 -38.94 -3.44 -13.26
C ASN A 203 -39.18 -1.95 -13.08
N ASN A 204 -40.33 -1.57 -12.50
CA ASN A 204 -40.64 -0.16 -12.31
C ASN A 204 -39.64 0.53 -11.39
N LEU A 205 -39.02 -0.23 -10.48
CA LEU A 205 -38.06 0.35 -9.54
C LEU A 205 -36.76 0.78 -10.20
N ARG A 206 -36.47 0.28 -11.41
CA ARG A 206 -35.15 0.42 -12.00
C ARG A 206 -34.78 1.88 -12.24
N ASP A 207 -35.65 2.63 -12.93
CA ASP A 207 -35.36 4.03 -13.22
C ASP A 207 -35.67 4.97 -12.07
N GLY A 208 -36.23 4.49 -10.96
CA GLY A 208 -36.51 5.31 -9.81
C GLY A 208 -37.92 5.83 -9.73
N ASN A 209 -38.61 5.98 -10.86
CA ASN A 209 -40.01 6.40 -10.86
C ASN A 209 -40.90 5.22 -10.52
N VAL A 210 -41.64 5.33 -9.42
CA VAL A 210 -42.47 4.24 -8.91
C VAL A 210 -43.94 4.64 -8.96
N PRO A 211 -44.76 4.00 -9.79
CA PRO A 211 -46.19 4.34 -9.84
C PRO A 211 -46.88 4.02 -8.53
N ASP A 212 -48.05 4.65 -8.33
CA ASP A 212 -48.81 4.45 -7.10
C ASP A 212 -49.14 2.97 -6.88
N ASP A 213 -49.62 2.30 -7.93
CA ASP A 213 -50.05 0.90 -7.78
C ASP A 213 -48.88 0.01 -7.38
N THR A 214 -47.70 0.23 -7.97
CA THR A 214 -46.52 -0.52 -7.57
C THR A 214 -46.17 -0.24 -6.10
N ALA A 215 -46.16 1.05 -5.73
CA ALA A 215 -45.86 1.41 -4.35
C ALA A 215 -46.88 0.82 -3.38
N ARG A 216 -48.16 0.89 -3.73
CA ARG A 216 -49.17 0.28 -2.87
C ARG A 216 -49.00 -1.23 -2.80
N ASP A 217 -48.71 -1.87 -3.93
CA ASP A 217 -48.56 -3.33 -3.95
C ASP A 217 -47.41 -3.80 -3.08
N PHE A 218 -46.38 -2.96 -2.91
CA PHE A 218 -45.29 -3.34 -2.01
C PHE A 218 -45.68 -3.13 -0.55
N CYS A 219 -46.42 -2.06 -0.26
CA CYS A 219 -46.86 -1.84 1.12
C CYS A 219 -47.76 -2.96 1.59
N ARG A 220 -48.51 -3.58 0.67
CA ARG A 220 -49.37 -4.69 1.05
C ARG A 220 -48.57 -5.91 1.51
N LEU A 221 -47.28 -5.97 1.17
CA LEU A 221 -46.41 -7.06 1.56
C LEU A 221 -45.87 -6.92 2.99
N SER A 222 -46.22 -5.85 3.70
CA SER A 222 -45.88 -5.71 5.12
C SER A 222 -46.43 -6.84 5.99
N ARG A 223 -47.38 -7.62 5.49
CA ARG A 223 -47.96 -8.70 6.29
C ARG A 223 -46.86 -9.67 6.72
N PRO A 224 -46.90 -10.15 7.95
CA PRO A 224 -45.93 -11.15 8.41
C PRO A 224 -45.93 -12.40 7.53
N LEU A 225 -44.73 -12.95 7.32
CA LEU A 225 -44.61 -14.21 6.60
C LEU A 225 -44.94 -15.37 7.53
N LYS A 226 -45.68 -16.34 7.00
CA LYS A 226 -45.97 -17.58 7.72
C LYS A 226 -45.18 -18.70 7.07
N CYS A 227 -44.30 -19.32 7.85
CA CYS A 227 -43.34 -20.31 7.38
C CYS A 227 -43.44 -21.59 8.21
N PRO A 228 -42.89 -22.69 7.69
CA PRO A 228 -42.79 -23.91 8.51
C PRO A 228 -41.96 -23.68 9.75
N GLU A 229 -41.98 -24.70 10.63
CA GLU A 229 -41.30 -24.57 11.92
C GLU A 229 -39.81 -24.33 11.75
N GLY A 230 -39.17 -25.09 10.85
CA GLY A 230 -37.75 -24.98 10.67
C GLY A 230 -37.28 -24.06 9.57
N ILE A 231 -38.19 -23.41 8.84
CA ILE A 231 -37.84 -22.49 7.77
C ILE A 231 -37.68 -21.10 8.37
N VAL A 232 -36.47 -20.54 8.25
CA VAL A 232 -36.14 -19.23 8.80
C VAL A 232 -36.02 -18.25 7.63
N PRO A 233 -36.75 -17.13 7.65
CA PRO A 233 -36.63 -16.15 6.56
C PRO A 233 -35.41 -15.26 6.75
N SER A 234 -34.73 -14.99 5.63
CA SER A 234 -33.57 -14.10 5.67
C SER A 234 -34.02 -12.66 5.86
N GLU A 235 -33.20 -11.89 6.59
CA GLU A 235 -33.49 -10.49 6.87
C GLU A 235 -32.47 -9.61 6.17
N LEU A 236 -32.93 -8.67 5.34
CA LEU A 236 -32.07 -7.75 4.62
C LEU A 236 -32.21 -6.36 5.21
N TYR A 237 -31.08 -5.69 5.43
CA TYR A 237 -31.06 -4.32 5.94
C TYR A 237 -30.02 -3.52 5.17
N ALA A 238 -30.14 -2.20 5.27
CA ALA A 238 -29.20 -1.32 4.56
C ALA A 238 -27.87 -1.20 5.29
N THR A 239 -27.90 -1.21 6.63
CA THR A 239 -26.70 -0.94 7.41
C THR A 239 -26.30 -2.17 8.22
N ARG A 240 -25.07 -2.11 8.73
CA ARG A 240 -24.55 -3.23 9.49
C ARG A 240 -25.08 -3.23 10.91
N TYR A 241 -25.19 -2.05 11.53
CA TYR A 241 -25.87 -1.90 12.81
C TYR A 241 -27.15 -2.72 12.87
N GLU A 242 -28.04 -2.53 11.89
CA GLU A 242 -29.27 -3.32 11.82
C GLU A 242 -28.96 -4.81 11.73
N VAL A 243 -28.03 -5.17 10.84
CA VAL A 243 -27.70 -6.58 10.64
C VAL A 243 -27.19 -7.19 11.93
N ASP A 244 -26.30 -6.47 12.62
CA ASP A 244 -25.78 -6.97 13.90
C ASP A 244 -26.86 -6.99 14.96
N MET A 245 -27.72 -5.98 14.99
CA MET A 245 -28.81 -5.96 15.96
C MET A 245 -29.83 -7.06 15.66
N ALA A 246 -30.20 -7.22 14.39
CA ALA A 246 -31.13 -8.28 14.01
C ALA A 246 -30.58 -9.66 14.37
N ASN A 247 -29.28 -9.89 14.14
CA ASN A 247 -28.69 -11.14 14.60
C ASN A 247 -28.74 -11.25 16.12
N SER A 248 -28.50 -10.14 16.83
CA SER A 248 -28.48 -10.17 18.28
C SER A 248 -29.87 -10.51 18.84
N ARG A 249 -30.90 -9.79 18.41
CA ARG A 249 -32.24 -10.04 18.93
C ARG A 249 -32.67 -11.47 18.66
N LYS A 250 -32.35 -12.01 17.47
CA LYS A 250 -32.67 -13.39 17.17
C LYS A 250 -31.94 -14.34 18.12
N LEU A 251 -30.66 -14.08 18.36
CA LEU A 251 -29.91 -14.90 19.31
C LEU A 251 -30.45 -14.77 20.72
N ASN A 252 -30.84 -13.55 21.12
CA ASN A 252 -31.25 -13.31 22.50
C ASN A 252 -32.62 -13.90 22.83
N THR A 253 -33.41 -14.29 21.82
CA THR A 253 -34.68 -14.93 22.10
C THR A 253 -34.50 -16.40 22.42
N ILE A 254 -33.60 -17.06 21.70
CA ILE A 254 -33.22 -18.45 22.02
C ILE A 254 -32.72 -18.54 23.46
N GLN A 255 -33.24 -19.51 24.20
CA GLN A 255 -32.69 -19.87 25.50
C GLN A 255 -31.61 -20.92 25.30
N GLY A 256 -30.77 -21.11 26.32
CA GLY A 256 -29.61 -21.93 26.06
C GLY A 256 -28.24 -21.44 26.50
N ASP A 257 -28.17 -20.37 27.30
CA ASP A 257 -26.93 -20.02 28.01
C ASP A 257 -25.76 -19.80 27.05
N VAL A 258 -25.91 -18.77 26.20
CA VAL A 258 -25.11 -18.60 24.98
C VAL A 258 -23.62 -18.82 25.21
N VAL A 259 -23.01 -19.57 24.27
CA VAL A 259 -21.59 -19.89 24.28
C VAL A 259 -20.83 -18.77 23.58
N VAL A 260 -19.72 -18.34 24.19
CA VAL A 260 -18.94 -17.21 23.71
C VAL A 260 -17.56 -17.72 23.33
N TYR A 261 -17.21 -17.55 22.05
CA TYR A 261 -15.92 -17.95 21.53
C TYR A 261 -15.12 -16.70 21.21
N ASN A 262 -14.12 -16.41 22.03
CA ASN A 262 -13.22 -15.30 21.76
C ASN A 262 -12.11 -15.74 20.82
N SER A 263 -11.75 -14.85 19.90
CA SER A 263 -10.69 -15.14 18.96
C SER A 263 -9.32 -14.91 19.60
N VAL A 264 -8.35 -15.69 19.15
CA VAL A 264 -6.95 -15.51 19.56
C VAL A 264 -6.30 -14.65 18.50
N ASP A 265 -5.95 -13.41 18.87
CA ASP A 265 -5.40 -12.44 17.95
C ASP A 265 -3.94 -12.18 18.29
N THR A 266 -3.05 -12.46 17.34
CA THR A 266 -1.62 -12.21 17.49
C THR A 266 -1.10 -11.47 16.27
N GLY A 267 0.13 -10.96 16.36
CA GLY A 267 0.75 -10.30 15.23
C GLY A 267 1.99 -9.49 15.57
N ILE A 268 2.86 -9.31 14.59
CA ILE A 268 4.10 -8.57 14.76
C ILE A 268 3.99 -7.13 14.25
N LEU A 269 2.80 -6.71 13.84
CA LEU A 269 2.63 -5.32 13.47
C LEU A 269 2.44 -4.45 14.71
N PRO A 270 2.92 -3.21 14.68
CA PRO A 270 2.68 -2.29 15.79
C PRO A 270 1.23 -1.82 15.83
N GLU A 271 0.87 -1.16 16.93
CA GLU A 271 -0.43 -0.52 16.99
C GLU A 271 -0.34 0.91 16.45
N PRO A 272 -1.47 1.47 15.99
CA PRO A 272 -2.82 0.90 15.87
C PRO A 272 -2.99 0.01 14.63
N GLN A 273 -1.93 -0.10 13.82
CA GLN A 273 -2.00 -0.84 12.57
C GLN A 273 -2.56 -2.25 12.77
N LYS A 274 -2.17 -2.91 13.86
CA LYS A 274 -2.63 -4.28 14.10
C LYS A 274 -4.13 -4.31 14.41
N THR A 275 -4.61 -3.35 15.20
CA THR A 275 -6.03 -3.31 15.50
C THR A 275 -6.83 -2.95 14.26
N GLN A 276 -6.31 -2.02 13.45
CA GLN A 276 -7.06 -1.59 12.27
C GLN A 276 -7.10 -2.68 11.21
N VAL A 277 -6.09 -3.54 11.16
CA VAL A 277 -6.14 -4.70 10.26
C VAL A 277 -7.16 -5.71 10.75
N LEU A 278 -7.14 -6.03 12.05
CA LEU A 278 -8.05 -7.04 12.57
C LEU A 278 -9.50 -6.63 12.42
N THR A 279 -9.79 -5.33 12.53
CA THR A 279 -11.17 -4.86 12.46
C THR A 279 -11.87 -5.32 11.18
N ASN A 280 -11.11 -5.47 10.09
CA ASN A 280 -11.70 -5.80 8.80
C ASN A 280 -11.63 -7.29 8.48
N PHE A 281 -11.21 -8.13 9.42
CA PHE A 281 -11.27 -9.57 9.22
C PHE A 281 -12.73 -10.03 9.27
N LEU A 282 -13.11 -10.88 8.31
CA LEU A 282 -14.47 -11.42 8.29
C LEU A 282 -14.73 -12.29 9.52
N ALA A 283 -13.76 -13.11 9.90
CA ALA A 283 -13.88 -13.91 11.11
C ALA A 283 -14.10 -12.98 12.31
N PRO A 284 -15.09 -13.23 13.14
CA PRO A 284 -15.42 -12.27 14.20
C PRO A 284 -14.51 -12.40 15.41
N GLN A 285 -14.24 -11.26 16.03
CA GLN A 285 -13.46 -11.27 17.27
C GLN A 285 -14.20 -12.00 18.38
N VAL A 286 -15.51 -11.78 18.51
CA VAL A 286 -16.35 -12.48 19.47
C VAL A 286 -17.46 -13.20 18.69
N LEU A 287 -17.48 -14.53 18.77
CA LEU A 287 -18.47 -15.37 18.09
C LEU A 287 -19.42 -15.92 19.16
N ASN A 288 -20.65 -15.39 19.18
CA ASN A 288 -21.66 -15.82 20.15
C ASN A 288 -22.60 -16.82 19.49
N LEU A 289 -22.74 -17.99 20.09
CA LEU A 289 -23.54 -19.07 19.51
C LEU A 289 -24.42 -19.71 20.57
N LYS A 290 -25.70 -19.91 20.25
CA LYS A 290 -26.59 -20.75 21.03
C LYS A 290 -26.92 -22.00 20.23
N VAL A 291 -27.76 -22.85 20.79
CA VAL A 291 -28.25 -24.01 20.07
C VAL A 291 -29.36 -23.58 19.13
N GLY A 292 -29.22 -23.93 17.84
CA GLY A 292 -30.18 -23.55 16.84
C GLY A 292 -29.93 -22.22 16.17
N ALA A 293 -28.88 -21.50 16.57
CA ALA A 293 -28.58 -20.20 15.98
C ALA A 293 -28.22 -20.35 14.51
N GLN A 294 -28.82 -19.51 13.66
CA GLN A 294 -28.47 -19.49 12.25
C GLN A 294 -27.01 -19.05 12.07
N VAL A 295 -26.29 -19.75 11.18
CA VAL A 295 -24.87 -19.48 10.96
C VAL A 295 -24.55 -19.63 9.49
N MET A 296 -23.42 -19.04 9.10
CA MET A 296 -22.92 -19.13 7.74
C MET A 296 -21.44 -19.48 7.77
N CYS A 297 -21.06 -20.50 7.03
CA CYS A 297 -19.65 -20.85 6.90
C CYS A 297 -18.92 -19.78 6.09
N ILE A 298 -17.71 -19.43 6.52
CA ILE A 298 -16.97 -18.39 5.84
C ILE A 298 -15.63 -18.87 5.29
N LYS A 299 -15.47 -20.19 5.11
CA LYS A 299 -14.29 -20.76 4.50
C LYS A 299 -14.69 -21.88 3.56
N ASN A 300 -13.97 -22.01 2.44
CA ASN A 300 -14.19 -23.10 1.49
C ASN A 300 -13.44 -24.33 2.00
N PHE A 301 -14.13 -25.19 2.75
CA PHE A 301 -13.50 -26.42 3.20
C PHE A 301 -13.54 -27.50 2.12
N ASP A 302 -14.73 -27.87 1.70
CA ASP A 302 -14.95 -28.97 0.78
C ASP A 302 -15.29 -28.42 -0.60
N ASP A 303 -15.57 -29.33 -1.52
CA ASP A 303 -16.21 -28.97 -2.77
C ASP A 303 -17.71 -28.76 -2.59
N GLN A 304 -18.28 -29.32 -1.52
CA GLN A 304 -19.69 -29.19 -1.18
C GLN A 304 -19.94 -28.13 -0.13
N LEU A 305 -19.10 -28.05 0.90
CA LEU A 305 -19.23 -27.04 1.94
C LEU A 305 -18.23 -25.93 1.65
N VAL A 306 -18.75 -24.75 1.26
CA VAL A 306 -17.93 -23.65 0.78
C VAL A 306 -18.27 -22.39 1.55
N ASN A 307 -17.49 -21.34 1.30
CA ASN A 307 -17.75 -20.02 1.87
C ASN A 307 -19.13 -19.53 1.45
N GLY A 308 -19.93 -19.14 2.43
CA GLY A 308 -21.29 -18.69 2.20
C GLY A 308 -22.36 -19.70 2.54
N THR A 309 -22.00 -20.97 2.71
CA THR A 309 -22.98 -22.00 3.00
C THR A 309 -23.66 -21.74 4.33
N LEU A 310 -24.99 -21.81 4.33
CA LEU A 310 -25.76 -21.60 5.55
C LEU A 310 -25.93 -22.93 6.29
N GLY A 311 -26.00 -22.83 7.61
CA GLY A 311 -26.08 -24.01 8.45
C GLY A 311 -26.82 -23.74 9.74
N LYS A 312 -26.88 -24.76 10.58
CA LYS A 312 -27.57 -24.67 11.85
C LYS A 312 -26.82 -25.48 12.89
N VAL A 313 -26.54 -24.84 14.03
CA VAL A 313 -25.78 -25.45 15.12
C VAL A 313 -26.70 -26.30 15.98
N ILE A 314 -26.27 -27.51 16.30
CA ILE A 314 -27.08 -28.46 17.06
C ILE A 314 -26.54 -28.69 18.46
N ASP A 315 -25.22 -28.73 18.64
CA ASP A 315 -24.63 -29.02 19.94
C ASP A 315 -23.26 -28.35 20.05
N PHE A 316 -22.72 -28.35 21.28
CA PHE A 316 -21.34 -27.93 21.55
C PHE A 316 -20.72 -28.91 22.54
N VAL A 317 -20.05 -29.94 22.04
CA VAL A 317 -19.01 -30.60 22.82
C VAL A 317 -18.11 -31.36 21.86
N ASP A 318 -16.79 -31.28 22.08
CA ASP A 318 -15.87 -32.30 21.58
C ASP A 318 -14.63 -32.29 22.47
N ARG A 319 -14.52 -33.27 23.37
CA ARG A 319 -13.19 -33.53 23.90
C ARG A 319 -12.48 -34.60 23.07
N ASP A 320 -12.41 -34.38 21.75
CA ASP A 320 -11.68 -35.23 20.81
C ASP A 320 -12.28 -36.63 20.77
N THR A 321 -13.37 -36.84 21.51
CA THR A 321 -13.96 -38.16 21.67
C THR A 321 -15.17 -38.39 20.77
N TYR A 322 -15.73 -37.34 20.18
CA TYR A 322 -17.01 -37.43 19.49
C TYR A 322 -16.81 -38.08 18.12
N MET A 323 -16.44 -39.36 18.16
CA MET A 323 -16.24 -40.18 16.97
C MET A 323 -16.63 -41.63 17.24
N SER A 388 5.02 -26.92 6.99
CA SER A 388 5.97 -26.48 8.00
C SER A 388 5.34 -25.45 8.93
N LYS A 389 4.48 -24.60 8.37
CA LYS A 389 3.86 -23.54 9.15
C LYS A 389 2.67 -24.06 9.96
N LEU A 390 1.97 -25.08 9.47
CA LEU A 390 0.83 -25.66 10.17
C LEU A 390 1.14 -25.91 11.64
N LYS A 391 2.20 -26.69 11.91
CA LYS A 391 2.62 -26.92 13.29
C LYS A 391 3.00 -25.61 13.98
N ASP A 392 3.74 -24.74 13.29
CA ASP A 392 4.07 -23.41 13.82
C ASP A 392 2.83 -22.62 14.22
N ASP A 393 1.65 -23.01 13.75
CA ASP A 393 0.40 -22.36 14.09
C ASP A 393 -0.51 -23.23 14.96
N LEU A 394 -0.24 -24.54 15.05
CA LEU A 394 -1.00 -25.40 15.94
C LEU A 394 -0.72 -25.09 17.40
N MET A 395 0.49 -24.65 17.72
CA MET A 395 0.83 -24.24 19.07
C MET A 395 -0.15 -23.19 19.58
N LYS A 396 -0.48 -22.22 18.74
CA LYS A 396 -1.43 -21.17 19.12
C LYS A 396 -2.83 -21.71 19.39
N ASP A 397 -3.19 -22.87 18.84
CA ASP A 397 -4.51 -23.46 19.06
C ASP A 397 -4.56 -24.07 20.47
N TYR A 398 -5.06 -23.30 21.42
CA TYR A 398 -5.34 -23.83 22.75
C TYR A 398 -6.54 -24.79 22.76
N LYS A 399 -7.35 -24.77 21.70
CA LYS A 399 -8.46 -25.71 21.47
C LYS A 399 -9.63 -25.48 22.42
N ASN A 400 -9.71 -24.30 23.04
CA ASN A 400 -10.65 -23.94 24.09
C ASN A 400 -11.06 -25.14 24.94
N LYS A 401 -12.34 -25.55 24.88
CA LYS A 401 -12.71 -26.94 25.15
C LYS A 401 -13.68 -27.56 24.13
N LYS A 402 -14.43 -26.77 23.37
CA LYS A 402 -15.66 -27.27 22.75
C LYS A 402 -15.83 -26.75 21.33
N TYR A 403 -16.14 -27.71 20.37
CA TYR A 403 -16.39 -27.22 19.02
C TYR A 403 -17.89 -27.22 18.72
N PRO A 404 -18.36 -26.26 17.90
CA PRO A 404 -19.76 -26.28 17.46
C PRO A 404 -20.04 -27.46 16.53
N LEU A 405 -21.23 -28.03 16.70
CA LEU A 405 -21.75 -29.06 15.81
C LEU A 405 -22.80 -28.39 14.91
N VAL A 406 -22.51 -28.33 13.61
CA VAL A 406 -23.30 -27.53 12.69
C VAL A 406 -23.75 -28.40 11.52
N LYS A 407 -25.04 -28.30 11.18
CA LYS A 407 -25.64 -29.00 10.05
C LYS A 407 -25.81 -28.01 8.91
N PHE A 408 -25.16 -28.28 7.78
CA PHE A 408 -25.03 -27.33 6.68
C PHE A 408 -25.89 -27.78 5.50
N LEU A 409 -26.81 -26.92 5.07
CA LEU A 409 -27.58 -27.14 3.85
C LEU A 409 -26.66 -27.07 2.64
N LEU A 410 -26.48 -28.20 1.95
CA LEU A 410 -25.54 -28.28 0.85
C LEU A 410 -26.08 -27.51 -0.35
N PRO A 411 -25.21 -27.16 -1.33
CA PRO A 411 -25.71 -26.44 -2.51
C PRO A 411 -26.50 -27.35 -3.43
N ASP A 412 -27.55 -27.95 -2.90
CA ASP A 412 -28.52 -28.69 -3.69
C ASP A 412 -29.94 -28.32 -3.32
N GLY A 413 -30.14 -27.42 -2.36
CA GLY A 413 -31.46 -27.02 -1.90
C GLY A 413 -32.06 -27.82 -0.78
N ILE A 414 -31.94 -29.14 -0.81
CA ILE A 414 -32.67 -30.03 0.09
C ILE A 414 -31.77 -30.67 1.14
N THR A 415 -30.75 -31.42 0.70
CA THR A 415 -30.02 -32.28 1.64
C THR A 415 -29.15 -31.45 2.59
N PHE A 416 -28.78 -32.10 3.70
CA PHE A 416 -27.98 -31.51 4.76
C PHE A 416 -26.66 -32.27 4.89
N ARG A 417 -25.74 -31.70 5.66
CA ARG A 417 -24.53 -32.42 6.04
C ARG A 417 -24.03 -31.82 7.35
N THR A 418 -24.12 -32.58 8.43
CA THR A 418 -23.66 -32.13 9.74
C THR A 418 -22.18 -32.44 9.90
N VAL A 419 -21.43 -31.46 10.41
CA VAL A 419 -19.99 -31.56 10.56
C VAL A 419 -19.57 -30.85 11.83
N VAL A 420 -18.38 -31.21 12.32
CA VAL A 420 -17.80 -30.58 13.49
C VAL A 420 -16.87 -29.47 13.03
N VAL A 421 -17.19 -28.23 13.40
CA VAL A 421 -16.51 -27.06 12.87
C VAL A 421 -15.31 -26.75 13.75
N GLU A 422 -14.11 -26.92 13.20
CA GLU A 422 -12.86 -26.63 13.89
C GLU A 422 -12.43 -25.18 13.68
N PRO A 423 -11.58 -24.64 14.56
CA PRO A 423 -11.10 -23.28 14.34
C PRO A 423 -10.12 -23.20 13.17
N GLU A 424 -10.11 -22.03 12.54
CA GLU A 424 -9.27 -21.76 11.37
C GLU A 424 -8.44 -20.50 11.63
N GLN A 425 -7.41 -20.31 10.81
CA GLN A 425 -6.53 -19.16 10.93
C GLN A 425 -6.64 -18.27 9.71
N TRP A 426 -6.83 -16.97 9.94
CA TRP A 426 -6.74 -15.94 8.91
C TRP A 426 -5.50 -15.10 9.17
N THR A 427 -4.71 -14.86 8.13
CA THR A 427 -3.43 -14.19 8.26
C THR A 427 -3.35 -13.02 7.29
N THR A 428 -2.86 -11.90 7.78
CA THR A 428 -2.27 -10.87 6.94
C THR A 428 -0.78 -11.18 6.82
N GLU A 429 -0.27 -11.23 5.59
CA GLU A 429 1.09 -11.71 5.37
C GLU A 429 1.85 -10.73 4.49
N ASP A 430 3.15 -11.00 4.35
CA ASP A 430 3.98 -10.38 3.33
C ASP A 430 4.30 -11.43 2.28
N GLU A 431 4.63 -10.94 1.09
CA GLU A 431 4.78 -11.82 -0.07
C GLU A 431 5.71 -13.00 0.19
N ASP A 432 6.67 -12.84 1.10
CA ASP A 432 7.60 -13.93 1.38
C ASP A 432 7.01 -14.99 2.28
N GLY A 433 5.93 -14.71 3.00
CA GLY A 433 5.30 -15.71 3.85
C GLY A 433 5.31 -15.38 5.32
N THR A 434 5.88 -14.25 5.73
CA THR A 434 5.92 -13.88 7.14
C THR A 434 4.57 -13.32 7.56
N VAL A 435 3.90 -14.01 8.49
CA VAL A 435 2.57 -13.57 8.90
C VAL A 435 2.71 -12.34 9.77
N LEU A 436 2.02 -11.26 9.38
CA LEU A 436 2.08 -10.01 10.12
C LEU A 436 0.98 -9.88 11.15
N VAL A 437 -0.20 -10.45 10.87
CA VAL A 437 -1.32 -10.47 11.79
C VAL A 437 -1.99 -11.83 11.67
N SER A 438 -2.39 -12.40 12.82
CA SER A 438 -3.06 -13.69 12.84
C SER A 438 -4.32 -13.63 13.72
N ARG A 439 -5.40 -14.22 13.23
CA ARG A 439 -6.61 -14.40 14.04
C ARG A 439 -7.08 -15.83 13.89
N ILE A 440 -7.30 -16.50 15.01
CA ILE A 440 -7.78 -17.87 15.05
C ILE A 440 -9.19 -17.83 15.60
N GLN A 441 -10.14 -18.35 14.82
CA GLN A 441 -11.55 -18.34 15.18
C GLN A 441 -12.23 -19.43 14.38
N PHE A 442 -13.36 -19.89 14.90
CA PHE A 442 -14.20 -20.78 14.11
C PHE A 442 -14.75 -20.03 12.90
N PRO A 443 -14.79 -20.66 11.73
CA PRO A 443 -15.23 -19.96 10.51
C PRO A 443 -16.75 -19.84 10.42
N LEU A 444 -17.34 -19.13 11.38
CA LEU A 444 -18.79 -19.01 11.45
C LEU A 444 -19.17 -17.59 11.84
N ILE A 445 -20.28 -17.11 11.27
CA ILE A 445 -20.94 -15.89 11.68
C ILE A 445 -22.43 -16.17 11.81
N LEU A 446 -23.08 -15.52 12.76
CA LEU A 446 -24.53 -15.66 12.89
C LEU A 446 -25.17 -15.14 11.61
N ALA A 447 -25.79 -16.03 10.83
CA ALA A 447 -26.17 -15.61 9.49
C ALA A 447 -27.47 -14.82 9.48
N TRP A 448 -28.58 -15.44 9.88
CA TRP A 448 -29.85 -14.76 10.13
C TRP A 448 -30.12 -13.54 9.25
N SER A 449 -29.33 -12.49 9.43
CA SER A 449 -29.48 -11.21 8.75
C SER A 449 -28.31 -10.95 7.80
N LEU A 450 -28.49 -10.00 6.89
CA LEU A 450 -27.47 -9.78 5.87
C LEU A 450 -27.67 -8.40 5.26
N SER A 451 -26.56 -7.74 4.92
CA SER A 451 -26.66 -6.44 4.30
C SER A 451 -27.18 -6.58 2.87
N ILE A 452 -27.94 -5.57 2.43
CA ILE A 452 -28.42 -5.57 1.05
C ILE A 452 -27.26 -5.64 0.08
N HIS A 453 -26.14 -4.98 0.41
CA HIS A 453 -24.96 -5.02 -0.45
C HIS A 453 -24.51 -6.44 -0.68
N LYS A 454 -24.36 -7.22 0.40
CA LYS A 454 -23.89 -8.59 0.28
C LYS A 454 -24.96 -9.53 -0.24
N SER A 455 -26.23 -9.13 -0.23
CA SER A 455 -27.25 -9.96 -0.86
C SER A 455 -27.21 -9.89 -2.38
N GLN A 456 -26.63 -8.83 -2.94
CA GLN A 456 -26.67 -8.67 -4.39
C GLN A 456 -26.01 -9.85 -5.08
N GLY A 457 -26.81 -10.57 -5.86
CA GLY A 457 -26.41 -11.82 -6.50
C GLY A 457 -27.09 -13.04 -5.95
N GLN A 458 -27.65 -12.95 -4.74
CA GLN A 458 -28.27 -14.10 -4.11
C GLN A 458 -29.74 -14.21 -4.52
N THR A 459 -30.25 -15.44 -4.46
CA THR A 459 -31.67 -15.73 -4.62
C THR A 459 -32.20 -16.23 -3.29
N LEU A 460 -33.29 -15.63 -2.81
CA LEU A 460 -33.84 -15.95 -1.50
C LEU A 460 -35.31 -16.35 -1.65
N SER A 461 -35.64 -17.57 -1.22
CA SER A 461 -37.02 -18.03 -1.26
C SER A 461 -37.90 -17.21 -0.33
N LYS A 462 -37.49 -17.06 0.92
CA LYS A 462 -38.28 -16.37 1.93
C LYS A 462 -37.39 -15.31 2.57
N VAL A 463 -37.82 -14.05 2.52
CA VAL A 463 -36.99 -12.94 2.93
C VAL A 463 -37.87 -11.79 3.40
N VAL A 464 -37.48 -11.15 4.50
CA VAL A 464 -38.11 -9.91 4.96
C VAL A 464 -37.12 -8.78 4.73
N VAL A 465 -37.59 -7.74 4.05
CA VAL A 465 -36.77 -6.60 3.67
C VAL A 465 -37.22 -5.39 4.47
N ASP A 466 -36.30 -4.78 5.20
CA ASP A 466 -36.58 -3.59 5.99
C ASP A 466 -35.90 -2.41 5.30
N MET A 467 -36.71 -1.56 4.67
CA MET A 467 -36.20 -0.45 3.87
C MET A 467 -35.89 0.79 4.70
N LYS A 468 -35.78 0.65 6.02
CA LYS A 468 -35.77 1.80 6.92
C LYS A 468 -34.59 2.73 6.62
N LYS A 469 -33.38 2.18 6.51
CA LYS A 469 -32.17 2.97 6.40
C LYS A 469 -31.61 3.00 4.97
N ILE A 470 -32.42 2.70 3.96
CA ILE A 470 -31.92 2.71 2.59
C ILE A 470 -31.39 4.09 2.25
N PHE A 471 -30.14 4.15 1.77
CA PHE A 471 -29.47 5.41 1.55
C PHE A 471 -28.88 5.54 0.15
N GLU A 472 -28.97 4.51 -0.69
CA GLU A 472 -28.19 4.45 -1.91
C GLU A 472 -29.05 4.05 -3.10
N ASN A 473 -28.68 4.58 -4.27
CA ASN A 473 -29.35 4.21 -5.52
C ASN A 473 -29.29 2.71 -5.73
N GLY A 474 -30.36 2.17 -6.30
CA GLY A 474 -30.46 0.74 -6.57
C GLY A 474 -30.54 -0.16 -5.36
N GLN A 475 -30.40 0.37 -4.15
CA GLN A 475 -30.44 -0.48 -2.95
C GLN A 475 -31.84 -1.07 -2.72
N ALA A 476 -32.89 -0.28 -2.94
CA ALA A 476 -34.24 -0.85 -2.84
C ALA A 476 -34.45 -1.92 -3.91
N TYR A 477 -34.05 -1.62 -5.16
CA TYR A 477 -34.25 -2.57 -6.24
C TYR A 477 -33.55 -3.90 -5.98
N VAL A 478 -32.27 -3.84 -5.59
CA VAL A 478 -31.53 -5.06 -5.25
C VAL A 478 -32.24 -5.83 -4.13
N ALA A 479 -32.64 -5.11 -3.07
CA ALA A 479 -33.26 -5.76 -1.92
C ALA A 479 -34.55 -6.46 -2.32
N LEU A 480 -35.46 -5.72 -2.96
CA LEU A 480 -36.74 -6.32 -3.30
C LEU A 480 -36.63 -7.39 -4.37
N SER A 481 -35.59 -7.36 -5.21
CA SER A 481 -35.47 -8.32 -6.30
C SER A 481 -34.78 -9.61 -5.89
N ARG A 482 -34.35 -9.73 -4.64
CA ARG A 482 -33.82 -11.00 -4.15
C ARG A 482 -34.90 -12.07 -4.02
N ALA A 483 -36.16 -11.66 -3.88
CA ALA A 483 -37.23 -12.60 -3.59
C ALA A 483 -37.64 -13.40 -4.81
N VAL A 484 -37.90 -14.70 -4.59
CA VAL A 484 -38.49 -15.53 -5.63
C VAL A 484 -39.94 -15.11 -5.89
N SER A 485 -40.71 -14.89 -4.83
CA SER A 485 -42.13 -14.60 -4.98
C SER A 485 -42.58 -13.60 -3.91
N ARG A 486 -43.70 -12.94 -4.18
CA ARG A 486 -44.25 -12.05 -3.18
C ARG A 486 -44.75 -12.81 -1.96
N ALA A 487 -45.22 -14.05 -2.14
CA ALA A 487 -45.69 -14.83 -1.00
C ALA A 487 -44.57 -15.13 -0.02
N GLY A 488 -43.32 -15.15 -0.47
CA GLY A 488 -42.23 -15.35 0.47
C GLY A 488 -41.45 -14.08 0.74
N LEU A 489 -42.08 -12.93 0.56
CA LEU A 489 -41.43 -11.64 0.76
C LEU A 489 -42.28 -10.77 1.68
N GLN A 490 -41.64 -10.20 2.70
CA GLN A 490 -42.25 -9.18 3.54
C GLN A 490 -41.44 -7.90 3.43
N VAL A 491 -42.12 -6.78 3.20
CA VAL A 491 -41.49 -5.48 3.01
C VAL A 491 -41.90 -4.59 4.16
N LEU A 492 -40.91 -4.09 4.90
CA LEU A 492 -41.13 -3.17 6.00
C LEU A 492 -40.64 -1.78 5.63
N ASN A 493 -41.45 -0.77 5.96
CA ASN A 493 -41.10 0.64 5.82
C ASN A 493 -40.82 1.03 4.37
N PHE A 494 -41.62 0.50 3.45
CA PHE A 494 -41.47 0.84 2.04
C PHE A 494 -41.82 2.30 1.82
N ASN A 495 -41.07 2.95 0.95
CA ASN A 495 -41.38 4.33 0.57
C ASN A 495 -40.66 4.65 -0.74
N ARG A 496 -41.34 5.36 -1.64
CA ARG A 496 -40.76 5.74 -2.92
C ARG A 496 -39.50 6.57 -2.75
N SER A 497 -39.44 7.41 -1.71
CA SER A 497 -38.24 8.18 -1.44
C SER A 497 -37.00 7.30 -1.29
N LYS A 498 -37.17 6.03 -0.96
CA LYS A 498 -36.06 5.09 -0.85
C LYS A 498 -35.65 4.48 -2.19
N VAL A 499 -36.41 4.70 -3.26
CA VAL A 499 -36.15 4.08 -4.56
C VAL A 499 -35.60 5.15 -5.50
N ALA A 500 -34.33 5.02 -5.87
CA ALA A 500 -33.69 6.02 -6.72
C ALA A 500 -32.62 5.35 -7.58
N SER A 501 -32.35 5.96 -8.73
CA SER A 501 -31.30 5.51 -9.64
C SER A 501 -30.41 6.69 -10.01
N HIS A 502 -29.16 6.38 -10.34
CA HIS A 502 -28.19 7.42 -10.67
C HIS A 502 -28.44 7.95 -12.08
N ARG A 503 -28.27 9.26 -12.24
CA ARG A 503 -28.49 9.90 -13.54
C ARG A 503 -27.64 9.25 -14.62
N LYS A 504 -26.39 8.92 -14.31
CA LYS A 504 -25.49 8.37 -15.31
C LYS A 504 -25.84 6.94 -15.71
N VAL A 505 -26.49 6.19 -14.81
CA VAL A 505 -26.92 4.84 -15.16
C VAL A 505 -28.05 4.88 -16.16
N ILE A 506 -29.03 5.77 -15.95
CA ILE A 506 -30.18 5.86 -16.83
C ILE A 506 -29.76 6.27 -18.24
N GLU A 507 -28.89 7.27 -18.35
CA GLU A 507 -28.40 7.69 -19.68
C GLU A 507 -27.57 6.59 -20.34
N PHE A 508 -26.85 5.78 -19.56
CA PHE A 508 -26.12 4.65 -20.11
C PHE A 508 -27.07 3.71 -20.85
N TYR A 509 -28.14 3.25 -20.18
CA TYR A 509 -29.02 2.26 -20.81
C TYR A 509 -29.88 2.87 -21.92
N LYS A 510 -30.12 4.18 -21.90
CA LYS A 510 -30.87 4.77 -23.00
C LYS A 510 -29.99 4.93 -24.24
N ASN A 511 -28.68 5.10 -24.07
CA ASN A 511 -27.78 5.13 -25.21
C ASN A 511 -27.64 3.78 -25.90
N LEU A 512 -28.03 2.69 -25.23
CA LEU A 512 -28.00 1.36 -25.82
C LEU A 512 -29.18 1.19 -26.79
N SER A 513 -29.09 1.92 -27.89
CA SER A 513 -30.10 1.84 -28.95
C SER A 513 -29.53 2.35 -30.27
N MET B 1 9.29 0.79 -17.62
CA MET B 1 8.40 1.49 -18.54
C MET B 1 8.15 2.95 -18.13
N ILE B 2 9.07 3.54 -17.37
CA ILE B 2 9.00 4.95 -16.98
C ILE B 2 9.88 5.74 -17.93
N ILE B 3 9.32 6.80 -18.50
CA ILE B 3 9.99 7.61 -19.52
C ILE B 3 10.36 8.96 -18.93
N LEU B 4 11.57 9.41 -19.23
CA LEU B 4 11.99 10.73 -18.81
C LEU B 4 11.20 11.80 -19.54
N SER B 5 10.92 12.89 -18.84
CA SER B 5 10.27 14.02 -19.48
C SER B 5 11.22 14.67 -20.50
N ASN B 6 10.67 15.62 -21.25
CA ASN B 6 11.49 16.33 -22.23
C ASN B 6 12.57 17.16 -21.55
N GLU B 7 12.21 17.88 -20.48
CA GLU B 7 13.21 18.69 -19.81
C GLU B 7 14.17 17.85 -18.98
N GLN B 8 13.76 16.64 -18.56
CA GLN B 8 14.71 15.70 -17.99
C GLN B 8 15.69 15.22 -19.05
N GLU B 9 15.17 14.81 -20.21
CA GLU B 9 16.03 14.38 -21.30
C GLU B 9 16.97 15.50 -21.73
N TYR B 10 16.50 16.75 -21.66
CA TYR B 10 17.35 17.88 -22.03
C TYR B 10 18.54 18.00 -21.09
N VAL B 11 18.30 17.94 -19.78
CA VAL B 11 19.39 17.99 -18.81
C VAL B 11 20.36 16.83 -19.03
N LEU B 12 19.83 15.64 -19.28
CA LEU B 12 20.69 14.49 -19.59
C LEU B 12 21.60 14.78 -20.77
N LYS B 13 21.08 15.47 -21.79
CA LYS B 13 21.91 15.81 -22.94
C LYS B 13 23.02 16.77 -22.55
N GLN B 14 22.72 17.76 -21.69
CA GLN B 14 23.74 18.73 -21.29
C GLN B 14 24.82 18.07 -20.47
N VAL B 15 24.45 17.17 -19.56
CA VAL B 15 25.44 16.49 -18.74
C VAL B 15 26.32 15.59 -19.59
N LEU B 16 25.73 14.90 -20.57
CA LEU B 16 26.50 14.03 -21.45
C LEU B 16 27.45 14.79 -22.35
N SER B 17 27.23 16.09 -22.56
CA SER B 17 28.14 16.88 -23.37
C SER B 17 29.36 17.34 -22.60
N GLY B 18 29.45 17.01 -21.31
CA GLY B 18 30.63 17.27 -20.50
C GLY B 18 30.63 18.55 -19.70
N VAL B 19 29.59 19.37 -19.79
CA VAL B 19 29.60 20.70 -19.15
C VAL B 19 29.28 20.55 -17.67
N SER B 20 30.04 21.24 -16.83
CA SER B 20 29.74 21.34 -15.41
C SER B 20 28.52 22.22 -15.21
N LEU B 21 27.46 21.67 -14.60
CA LEU B 21 26.22 22.41 -14.45
C LEU B 21 25.56 22.10 -13.13
N PHE B 22 24.50 22.84 -12.85
CA PHE B 22 23.65 22.62 -11.68
C PHE B 22 22.22 22.61 -12.17
N TYR B 23 21.49 21.53 -11.89
CA TYR B 23 20.09 21.48 -12.28
C TYR B 23 19.22 21.32 -11.03
N THR B 24 18.11 22.05 -11.04
CA THR B 24 17.31 22.29 -9.84
C THR B 24 15.85 22.17 -10.20
N GLY B 25 14.99 22.50 -9.25
CA GLY B 25 13.56 22.35 -9.38
C GLY B 25 12.96 22.01 -8.05
N SER B 26 11.65 22.24 -7.95
CA SER B 26 10.96 22.01 -6.68
C SER B 26 11.03 20.54 -6.28
N ALA B 27 10.63 20.27 -5.04
CA ALA B 27 10.60 18.91 -4.53
C ALA B 27 9.76 18.01 -5.43
N GLY B 28 10.28 16.81 -5.70
CA GLY B 28 9.49 15.86 -6.46
C GLY B 28 9.40 16.15 -7.94
N THR B 29 10.36 16.90 -8.49
CA THR B 29 10.40 17.18 -9.91
C THR B 29 11.21 16.13 -10.69
N GLY B 30 11.57 15.02 -10.06
CA GLY B 30 12.32 13.98 -10.74
C GLY B 30 13.79 14.24 -10.91
N LYS B 31 14.39 15.10 -10.09
CA LYS B 31 15.82 15.38 -10.18
C LYS B 31 16.66 14.13 -9.92
N SER B 32 16.32 13.36 -8.87
CA SER B 32 17.13 12.18 -8.55
C SER B 32 16.82 11.00 -9.45
N VAL B 33 15.60 10.90 -9.97
CA VAL B 33 15.32 9.87 -10.97
C VAL B 33 16.20 10.10 -12.18
N LEU B 34 16.20 11.32 -12.72
CA LEU B 34 17.08 11.68 -13.83
C LEU B 34 18.54 11.39 -13.51
N LEU B 35 18.95 11.70 -12.28
CA LEU B 35 20.34 11.51 -11.89
C LEU B 35 20.76 10.05 -12.02
N ARG B 36 19.85 9.12 -11.70
CA ARG B 36 20.18 7.71 -11.86
C ARG B 36 20.32 7.34 -13.34
N SER B 37 19.57 8.00 -14.21
CA SER B 37 19.80 7.85 -15.64
C SER B 37 21.13 8.48 -16.06
N ILE B 38 21.44 9.66 -15.52
CA ILE B 38 22.74 10.27 -15.75
C ILE B 38 23.85 9.29 -15.43
N ILE B 39 23.74 8.61 -14.27
CA ILE B 39 24.80 7.71 -13.82
C ILE B 39 24.95 6.54 -14.77
N LYS B 40 23.84 5.92 -15.17
CA LYS B 40 23.91 4.79 -16.09
C LYS B 40 24.52 5.20 -17.43
N SER B 41 24.13 6.36 -17.96
CA SER B 41 24.70 6.83 -19.22
C SER B 41 26.17 7.18 -19.08
N LEU B 42 26.53 7.91 -18.02
CA LEU B 42 27.92 8.32 -17.86
C LEU B 42 28.85 7.12 -17.71
N ARG B 43 28.42 6.10 -16.98
CA ARG B 43 29.28 4.95 -16.76
C ARG B 43 29.46 4.10 -18.02
N ASP B 44 28.55 4.21 -18.99
CA ASP B 44 28.79 3.58 -20.29
C ASP B 44 30.00 4.18 -20.99
N LYS B 45 30.48 5.34 -20.54
CA LYS B 45 31.65 6.01 -21.10
C LYS B 45 32.84 5.97 -20.17
N TYR B 46 32.66 6.35 -18.91
CA TYR B 46 33.71 6.30 -17.91
C TYR B 46 33.33 5.30 -16.83
N PRO B 47 33.56 4.00 -17.05
CA PRO B 47 33.04 2.99 -16.12
C PRO B 47 33.51 3.18 -14.69
N LYS B 48 34.75 3.64 -14.50
CA LYS B 48 35.34 3.80 -13.18
C LYS B 48 35.63 5.26 -12.84
N GLY B 49 34.92 6.20 -13.47
CA GLY B 49 35.26 7.59 -13.32
C GLY B 49 34.12 8.46 -12.83
N VAL B 50 32.98 7.84 -12.54
CA VAL B 50 31.78 8.57 -12.13
C VAL B 50 31.66 8.45 -10.62
N ALA B 51 31.91 9.56 -9.93
CA ALA B 51 31.77 9.63 -8.47
C ALA B 51 30.36 10.09 -8.12
N VAL B 52 29.58 9.19 -7.51
CA VAL B 52 28.20 9.45 -7.16
C VAL B 52 28.12 9.79 -5.68
N THR B 53 27.59 10.97 -5.38
CA THR B 53 27.77 11.60 -4.08
C THR B 53 26.49 12.34 -3.70
N ALA B 54 26.22 12.41 -2.40
CA ALA B 54 25.17 13.29 -1.89
C ALA B 54 25.57 13.78 -0.50
N SER B 55 24.95 14.90 -0.09
CA SER B 55 25.32 15.58 1.15
C SER B 55 25.04 14.73 2.38
N THR B 56 24.01 13.88 2.34
CA THR B 56 23.72 12.98 3.45
C THR B 56 23.80 11.54 3.00
N GLY B 57 23.98 10.65 3.97
CA GLY B 57 24.08 9.23 3.65
C GLY B 57 22.81 8.68 3.03
N LEU B 58 21.65 8.98 3.65
CA LEU B 58 20.40 8.46 3.10
C LEU B 58 20.14 8.99 1.69
N ALA B 59 20.41 10.27 1.46
CA ALA B 59 20.28 10.82 0.11
C ALA B 59 21.24 10.16 -0.87
N ALA B 60 22.43 9.76 -0.40
CA ALA B 60 23.35 9.03 -1.27
C ALA B 60 22.83 7.63 -1.56
N CYS B 61 22.21 6.98 -0.56
CA CYS B 61 21.59 5.68 -0.79
C CYS B 61 20.52 5.76 -1.87
N ASN B 62 19.84 6.91 -1.98
CA ASN B 62 18.78 7.08 -2.95
C ASN B 62 19.28 7.05 -4.40
N ILE B 63 20.57 7.28 -4.63
CA ILE B 63 21.08 7.30 -6.00
C ILE B 63 22.27 6.36 -6.15
N GLY B 64 22.37 5.37 -5.27
CA GLY B 64 23.43 4.39 -5.35
C GLY B 64 24.81 4.97 -5.16
N GLY B 65 24.96 5.95 -4.28
CA GLY B 65 26.27 6.53 -4.06
C GLY B 65 26.71 6.56 -2.62
N ILE B 66 27.68 7.43 -2.33
CA ILE B 66 28.24 7.59 -1.00
C ILE B 66 28.16 9.06 -0.62
N THR B 67 28.44 9.34 0.64
CA THR B 67 28.43 10.73 1.07
C THR B 67 29.59 11.49 0.44
N LEU B 68 29.44 12.80 0.36
CA LEU B 68 30.49 13.65 -0.18
C LEU B 68 31.75 13.57 0.66
N HIS B 69 31.60 13.60 2.00
CA HIS B 69 32.76 13.50 2.88
C HIS B 69 33.49 12.18 2.69
N SER B 70 32.74 11.08 2.59
CA SER B 70 33.35 9.76 2.40
C SER B 70 34.20 9.73 1.13
N PHE B 71 33.62 10.16 0.00
CA PHE B 71 34.36 10.25 -1.25
C PHE B 71 35.63 11.06 -1.09
N ALA B 72 35.56 12.18 -0.38
CA ALA B 72 36.70 13.09 -0.31
C ALA B 72 37.87 12.47 0.44
N GLY B 73 37.60 11.71 1.49
CA GLY B 73 38.65 11.32 2.41
C GLY B 73 38.90 12.33 3.51
N PHE B 74 38.04 13.35 3.62
CA PHE B 74 38.19 14.39 4.63
C PHE B 74 38.23 13.82 6.03
N GLY B 75 37.46 12.76 6.27
CA GLY B 75 36.95 12.55 7.61
C GLY B 75 35.77 13.49 7.72
N LEU B 76 35.92 14.55 8.52
CA LEU B 76 34.90 15.60 8.58
C LEU B 76 35.29 16.85 7.81
N GLY B 77 36.55 17.01 7.47
CA GLY B 77 37.00 18.16 6.71
C GLY B 77 36.97 19.46 7.47
N GLN B 78 37.14 19.41 8.80
CA GLN B 78 37.09 20.64 9.59
C GLN B 78 38.39 21.43 9.47
N GLY B 79 39.50 20.75 9.24
CA GLY B 79 40.79 21.40 9.07
C GLY B 79 40.85 22.35 7.89
N LYS B 80 41.96 23.04 7.73
CA LYS B 80 42.14 23.93 6.59
C LYS B 80 42.91 23.20 5.50
N VAL B 81 42.60 23.58 4.25
CA VAL B 81 42.86 22.73 3.08
C VAL B 81 44.28 22.18 3.04
N GLU B 82 45.25 22.92 3.58
CA GLU B 82 46.62 22.43 3.61
C GLU B 82 46.73 21.09 4.33
N ASN B 83 46.14 20.99 5.53
CA ASN B 83 46.20 19.74 6.28
C ASN B 83 45.30 18.67 5.68
N LEU B 84 44.15 19.08 5.13
CA LEU B 84 43.24 18.11 4.51
C LEU B 84 43.92 17.39 3.37
N ILE B 85 44.66 18.12 2.52
CA ILE B 85 45.36 17.49 1.41
C ILE B 85 46.35 16.45 1.91
N LYS B 86 47.09 16.79 2.98
CA LYS B 86 48.02 15.83 3.56
C LYS B 86 47.28 14.60 4.10
N LYS B 87 46.15 14.82 4.78
CA LYS B 87 45.36 13.69 5.27
C LYS B 87 44.90 12.79 4.13
N ILE B 88 44.45 13.38 3.03
CA ILE B 88 43.94 12.59 1.91
C ILE B 88 45.06 11.81 1.22
N LYS B 89 46.23 12.43 1.05
CA LYS B 89 47.34 11.74 0.42
C LYS B 89 47.83 10.55 1.25
N ARG B 90 47.50 10.54 2.54
CA ARG B 90 47.81 9.37 3.36
C ARG B 90 46.86 8.21 3.03
N ASN B 91 45.60 8.53 2.74
CA ASN B 91 44.61 7.54 2.30
C ASN B 91 44.87 7.23 0.83
N LYS B 92 45.48 6.07 0.57
CA LYS B 92 45.84 5.74 -0.80
C LYS B 92 44.62 5.38 -1.65
N LYS B 93 43.49 5.02 -1.01
CA LYS B 93 42.32 4.68 -1.80
C LYS B 93 41.55 5.92 -2.21
N ALA B 94 41.51 6.94 -1.35
CA ALA B 94 40.90 8.21 -1.72
C ALA B 94 41.77 8.96 -2.73
N PHE B 95 43.08 9.02 -2.48
CA PHE B 95 44.01 9.71 -3.39
C PHE B 95 43.84 9.22 -4.82
N THR B 96 43.78 7.91 -5.01
CA THR B 96 43.58 7.36 -6.36
C THR B 96 42.22 7.75 -6.92
N ARG B 97 41.17 7.60 -6.11
CA ARG B 97 39.83 7.96 -6.58
C ARG B 97 39.77 9.42 -7.01
N TRP B 98 40.45 10.31 -6.30
CA TRP B 98 40.48 11.72 -6.68
C TRP B 98 41.09 11.92 -8.06
N ARG B 99 42.01 11.04 -8.48
CA ARG B 99 42.66 11.19 -9.77
C ARG B 99 41.97 10.38 -10.87
N GLU B 100 41.25 9.33 -10.51
CA GLU B 100 40.52 8.51 -11.47
C GLU B 100 39.15 9.08 -11.81
N THR B 101 38.67 10.05 -11.04
CA THR B 101 37.32 10.57 -11.22
C THR B 101 37.26 11.49 -12.42
N ARG B 102 36.27 11.26 -13.29
CA ARG B 102 35.97 12.16 -14.39
C ARG B 102 34.77 13.06 -14.13
N VAL B 103 33.78 12.56 -13.39
CA VAL B 103 32.54 13.28 -13.12
C VAL B 103 32.24 13.16 -11.65
N LEU B 104 31.98 14.30 -11.00
CA LEU B 104 31.56 14.35 -9.61
C LEU B 104 30.09 14.78 -9.57
N ILE B 105 29.22 13.89 -9.10
CA ILE B 105 27.80 14.15 -8.95
C ILE B 105 27.52 14.42 -7.48
N ILE B 106 26.87 15.55 -7.18
CA ILE B 106 26.51 15.89 -5.80
C ILE B 106 25.01 16.15 -5.75
N ASP B 107 24.27 15.24 -5.15
CA ASP B 107 22.83 15.41 -4.98
C ASP B 107 22.55 16.07 -3.63
N GLU B 108 21.37 16.67 -3.51
CA GLU B 108 20.98 17.46 -2.35
C GLU B 108 22.06 18.48 -1.99
N ILE B 109 22.39 19.28 -3.00
CA ILE B 109 23.50 20.23 -2.89
C ILE B 109 23.26 21.31 -1.84
N SER B 110 21.99 21.59 -1.51
CA SER B 110 21.70 22.72 -0.62
C SER B 110 22.30 22.53 0.76
N MET B 111 22.57 21.29 1.17
CA MET B 111 23.16 21.06 2.48
C MET B 111 24.68 21.05 2.45
N VAL B 112 25.30 21.34 1.30
CA VAL B 112 26.75 21.40 1.20
C VAL B 112 27.19 22.83 1.47
N ASP B 113 28.01 23.00 2.52
CA ASP B 113 28.54 24.31 2.87
C ASP B 113 29.47 24.83 1.77
N GLY B 114 29.34 26.11 1.45
CA GLY B 114 30.16 26.73 0.42
C GLY B 114 31.65 26.65 0.71
N HIS B 115 32.02 26.70 1.98
CA HIS B 115 33.43 26.60 2.35
C HIS B 115 33.96 25.19 2.10
N LEU B 116 33.13 24.17 2.32
CA LEU B 116 33.54 22.82 1.99
C LEU B 116 33.70 22.63 0.49
N LEU B 117 32.82 23.28 -0.30
CA LEU B 117 32.96 23.24 -1.74
C LEU B 117 34.27 23.89 -2.19
N ASN B 118 34.66 25.00 -1.54
CA ASN B 118 35.93 25.63 -1.86
C ASN B 118 37.10 24.70 -1.57
N LYS B 119 37.05 24.01 -0.42
CA LYS B 119 38.11 23.06 -0.07
C LYS B 119 38.18 21.92 -1.08
N LEU B 120 37.02 21.38 -1.47
CA LEU B 120 37.00 20.32 -2.48
C LEU B 120 37.55 20.81 -3.80
N ASN B 121 37.28 22.07 -4.16
CA ASN B 121 37.80 22.62 -5.40
C ASN B 121 39.33 22.70 -5.37
N GLU B 122 39.88 23.30 -4.30
CA GLU B 122 41.34 23.40 -4.19
C GLU B 122 41.99 22.04 -4.04
N ILE B 123 41.30 21.09 -3.41
CA ILE B 123 41.86 19.74 -3.25
C ILE B 123 41.93 19.03 -4.60
N ALA B 124 40.89 19.16 -5.43
CA ALA B 124 40.90 18.55 -6.74
C ALA B 124 42.05 19.09 -7.59
N LYS B 125 42.24 20.40 -7.56
CA LYS B 125 43.35 21.01 -8.31
C LYS B 125 44.69 20.49 -7.83
N ASN B 126 44.88 20.42 -6.51
CA ASN B 126 46.17 20.00 -5.96
C ASN B 126 46.48 18.55 -6.31
N LEU B 127 45.59 17.62 -5.93
CA LEU B 127 45.88 16.20 -6.13
C LEU B 127 45.93 15.79 -7.59
N ARG B 128 45.37 16.59 -8.49
CA ARG B 128 45.35 16.25 -9.91
C ARG B 128 46.34 17.06 -10.73
N ARG B 129 47.04 18.03 -10.12
CA ARG B 129 47.96 18.93 -10.81
C ARG B 129 47.26 19.73 -11.91
N ASN B 130 45.94 19.83 -11.82
CA ASN B 130 45.10 20.39 -12.88
C ASN B 130 44.57 21.75 -12.42
N ASN B 131 44.84 22.79 -13.20
CA ASN B 131 44.43 24.15 -12.86
C ASN B 131 42.98 24.46 -13.23
N ARG B 132 42.31 23.59 -14.01
CA ARG B 132 40.91 23.80 -14.36
C ARG B 132 40.04 23.87 -13.10
N PRO B 133 38.82 24.39 -13.23
CA PRO B 133 37.86 24.27 -12.12
C PRO B 133 37.71 22.81 -11.72
N PHE B 134 37.84 22.54 -10.42
CA PHE B 134 37.72 21.20 -9.87
C PHE B 134 38.70 20.21 -10.51
N GLY B 135 39.85 20.72 -10.96
CA GLY B 135 40.86 19.87 -11.55
C GLY B 135 40.41 19.16 -12.80
N GLY B 136 39.52 19.78 -13.59
CA GLY B 136 38.99 19.18 -14.79
C GLY B 136 37.85 18.21 -14.57
N ILE B 137 37.50 17.91 -13.32
CA ILE B 137 36.35 17.06 -13.04
C ILE B 137 35.07 17.80 -13.43
N GLN B 138 34.23 17.14 -14.20
CA GLN B 138 32.92 17.69 -14.53
C GLN B 138 32.03 17.64 -13.29
N LEU B 139 31.58 18.81 -12.83
CA LEU B 139 30.76 18.91 -11.63
C LEU B 139 29.28 18.97 -12.01
N VAL B 140 28.50 18.04 -11.48
CA VAL B 140 27.05 18.00 -11.68
C VAL B 140 26.41 18.15 -10.30
N ALA B 141 26.01 19.36 -9.97
CA ALA B 141 25.32 19.65 -8.72
C ALA B 141 23.81 19.53 -8.92
N CYS B 142 23.14 18.93 -7.94
CA CYS B 142 21.72 18.64 -8.05
C CYS B 142 21.04 18.87 -6.72
N GLY B 143 19.92 19.58 -6.73
CA GLY B 143 19.20 19.81 -5.50
C GLY B 143 18.33 21.05 -5.62
N ASP B 144 18.01 21.61 -4.45
CA ASP B 144 17.06 22.71 -4.35
C ASP B 144 17.43 23.51 -3.11
N PHE B 145 17.79 24.78 -3.32
CA PHE B 145 18.24 25.62 -2.21
C PHE B 145 17.09 26.16 -1.36
N TYR B 146 15.83 25.97 -1.77
CA TYR B 146 14.72 26.23 -0.87
C TYR B 146 14.57 25.15 0.19
N GLN B 147 15.28 24.04 0.04
CA GLN B 147 15.29 22.95 1.00
C GLN B 147 16.40 23.23 2.02
N LEU B 148 16.70 22.25 2.87
CA LEU B 148 17.47 22.52 4.08
C LEU B 148 18.84 23.12 3.75
N PRO B 149 19.30 24.08 4.55
CA PRO B 149 20.63 24.68 4.35
C PRO B 149 21.71 23.80 4.95
N PRO B 150 22.99 24.15 4.79
CA PRO B 150 24.04 23.36 5.45
C PRO B 150 23.94 23.48 6.96
N VAL B 151 24.26 22.38 7.66
CA VAL B 151 24.23 22.40 9.11
C VAL B 151 25.42 23.21 9.62
N VAL B 152 25.14 24.21 10.45
CA VAL B 152 26.18 25.06 11.03
C VAL B 152 26.04 25.08 12.55
N GLU B 166 27.03 33.09 10.25
CA GLU B 166 26.06 33.07 9.16
C GLU B 166 26.29 31.84 8.28
N VAL B 167 25.27 31.45 7.54
CA VAL B 167 25.33 30.27 6.68
C VAL B 167 25.89 30.68 5.33
N PHE B 168 26.72 29.80 4.75
CA PHE B 168 27.39 30.07 3.47
C PHE B 168 26.91 29.04 2.46
N PHE B 169 25.95 29.43 1.63
CA PHE B 169 25.39 28.51 0.65
C PHE B 169 26.41 28.17 -0.44
N ALA B 170 26.23 26.98 -1.02
CA ALA B 170 27.16 26.53 -2.06
C ALA B 170 27.22 27.52 -3.23
N PHE B 171 26.08 28.13 -3.59
CA PHE B 171 26.09 29.04 -4.71
C PHE B 171 26.78 30.36 -4.41
N GLU B 172 27.37 30.51 -3.23
CA GLU B 172 28.12 31.69 -2.87
C GLU B 172 29.63 31.52 -3.03
N SER B 173 30.11 30.29 -3.04
CA SER B 173 31.56 30.05 -3.06
C SER B 173 32.15 30.37 -4.42
N SER B 174 33.42 30.78 -4.41
CA SER B 174 34.12 30.97 -5.67
C SER B 174 34.20 29.66 -6.46
N ALA B 175 34.25 28.53 -5.76
CA ALA B 175 34.23 27.24 -6.44
C ALA B 175 32.98 27.10 -7.31
N TRP B 176 31.84 27.51 -6.79
CA TRP B 176 30.60 27.43 -7.58
C TRP B 176 30.67 28.30 -8.81
N LYS B 177 31.00 29.59 -8.63
CA LYS B 177 31.03 30.51 -9.76
C LYS B 177 32.08 30.11 -10.78
N GLU B 178 33.20 29.55 -10.34
CA GLU B 178 34.24 29.14 -11.26
C GLU B 178 33.86 27.89 -12.05
N THR B 179 33.08 26.99 -11.44
CA THR B 179 32.82 25.68 -12.03
C THR B 179 31.48 25.56 -12.74
N ILE B 180 30.40 26.05 -12.11
CA ILE B 180 29.05 25.84 -12.62
C ILE B 180 28.87 26.69 -13.88
N GLN B 181 28.78 26.03 -15.03
CA GLN B 181 28.65 26.72 -16.31
C GLN B 181 27.20 27.04 -16.68
N ARG B 182 26.23 26.40 -16.05
CA ARG B 182 24.86 26.53 -16.49
C ARG B 182 23.94 26.01 -15.40
N THR B 183 22.74 26.61 -15.33
CA THR B 183 21.71 26.19 -14.39
C THR B 183 20.43 25.89 -15.17
N ILE B 184 19.89 24.70 -14.96
CA ILE B 184 18.64 24.28 -15.61
C ILE B 184 17.63 23.98 -14.51
N THR B 185 16.36 24.28 -14.77
CA THR B 185 15.30 24.13 -13.78
C THR B 185 14.24 23.18 -14.31
N LEU B 186 14.03 22.08 -13.60
CA LEU B 186 12.88 21.22 -13.86
C LEU B 186 11.64 21.84 -13.23
N LYS B 187 10.53 21.81 -13.95
CA LYS B 187 9.36 22.57 -13.56
C LYS B 187 8.17 21.72 -13.12
N GLU B 188 7.87 20.61 -13.79
CA GLU B 188 6.67 19.85 -13.42
C GLU B 188 6.96 18.88 -12.28
N ILE B 189 6.07 18.85 -11.30
CA ILE B 189 6.22 18.03 -10.10
C ILE B 189 5.52 16.70 -10.34
N PHE B 190 6.24 15.60 -10.08
CA PHE B 190 5.68 14.27 -10.23
C PHE B 190 5.22 13.63 -8.92
N ARG B 191 5.87 13.95 -7.80
CA ARG B 191 5.56 13.27 -6.54
C ARG B 191 4.10 13.48 -6.14
N GLN B 192 3.65 14.74 -6.18
CA GLN B 192 2.28 15.11 -5.85
C GLN B 192 1.42 15.31 -7.09
N LYS B 193 1.81 14.71 -8.23
CA LYS B 193 1.26 15.04 -9.54
C LYS B 193 -0.27 15.04 -9.57
N GLY B 194 -0.90 14.08 -8.90
CA GLY B 194 -2.34 14.01 -9.00
C GLY B 194 -3.14 14.99 -8.16
N ASP B 195 -2.52 15.92 -7.45
CA ASP B 195 -3.25 16.83 -6.56
C ASP B 195 -2.69 18.24 -6.75
N GLN B 196 -3.34 19.01 -7.62
CA GLN B 196 -2.82 20.34 -7.95
C GLN B 196 -2.85 21.28 -6.75
N ARG B 197 -3.91 21.20 -5.94
CA ARG B 197 -4.00 22.05 -4.75
C ARG B 197 -2.87 21.75 -3.78
N PHE B 198 -2.57 20.47 -3.53
CA PHE B 198 -1.42 20.11 -2.71
C PHE B 198 -0.14 20.74 -3.27
N ILE B 199 0.03 20.70 -4.60
CA ILE B 199 1.23 21.27 -5.21
C ILE B 199 1.29 22.77 -4.98
N ASP B 200 0.15 23.46 -5.09
CA ASP B 200 0.13 24.90 -4.81
C ASP B 200 0.50 25.17 -3.35
N MET B 201 -0.13 24.43 -2.42
CA MET B 201 0.19 24.58 -1.00
C MET B 201 1.69 24.43 -0.75
N LEU B 202 2.28 23.35 -1.29
CA LEU B 202 3.71 23.12 -1.13
C LEU B 202 4.54 24.24 -1.74
N ASN B 203 4.19 24.65 -2.97
CA ASN B 203 4.93 25.73 -3.62
C ASN B 203 4.90 27.01 -2.80
N ASN B 204 3.78 27.29 -2.14
CA ASN B 204 3.67 28.49 -1.32
C ASN B 204 4.67 28.48 -0.16
N LEU B 205 5.03 27.29 0.33
CA LEU B 205 5.93 27.18 1.46
C LEU B 205 7.37 27.56 1.10
N ARG B 206 7.74 27.49 -0.17
CA ARG B 206 9.14 27.62 -0.57
C ARG B 206 9.73 28.96 -0.12
N ASP B 207 9.00 30.06 -0.33
CA ASP B 207 9.51 31.37 0.04
C ASP B 207 9.08 31.80 1.46
N GLY B 208 8.60 30.88 2.28
CA GLY B 208 8.31 31.21 3.66
C GLY B 208 7.10 32.10 3.88
N ASN B 209 6.28 32.33 2.85
CA ASN B 209 5.04 33.12 2.98
C ASN B 209 3.85 32.18 2.80
N VAL B 210 3.17 31.87 3.90
CA VAL B 210 2.06 30.90 3.89
C VAL B 210 0.75 31.69 3.87
N PRO B 211 -0.03 31.62 2.80
CA PRO B 211 -1.36 32.26 2.81
C PRO B 211 -2.31 31.56 3.78
N ASP B 212 -3.41 32.25 4.10
CA ASP B 212 -4.36 31.72 5.07
C ASP B 212 -4.93 30.38 4.63
N ASP B 213 -5.34 30.26 3.37
CA ASP B 213 -5.97 29.02 2.92
C ASP B 213 -4.98 27.88 2.88
N THR B 214 -3.69 28.18 2.63
CA THR B 214 -2.67 27.15 2.69
C THR B 214 -2.52 26.63 4.12
N ALA B 215 -2.46 27.54 5.09
CA ALA B 215 -2.34 27.11 6.47
C ALA B 215 -3.57 26.34 6.92
N ARG B 216 -4.76 26.77 6.48
CA ARG B 216 -5.98 26.05 6.82
C ARG B 216 -5.98 24.65 6.23
N ASP B 217 -5.63 24.54 4.93
CA ASP B 217 -5.60 23.22 4.29
C ASP B 217 -4.60 22.30 4.95
N PHE B 218 -3.47 22.82 5.43
CA PHE B 218 -2.52 21.97 6.12
C PHE B 218 -3.03 21.59 7.50
N CYS B 219 -3.74 22.50 8.18
CA CYS B 219 -4.27 22.16 9.50
C CYS B 219 -5.39 21.14 9.41
N ARG B 220 -6.12 21.09 8.30
CA ARG B 220 -7.16 20.08 8.16
C ARG B 220 -6.58 18.67 8.08
N LEU B 221 -5.26 18.54 7.95
CA LEU B 221 -4.62 17.24 7.91
C LEU B 221 -4.15 16.76 9.29
N SER B 222 -4.66 17.40 10.36
CA SER B 222 -4.46 16.87 11.71
C SER B 222 -5.05 15.48 11.86
N ARG B 223 -6.09 15.16 11.11
CA ARG B 223 -6.83 13.93 11.30
C ARG B 223 -5.87 12.73 11.19
N PRO B 224 -6.00 11.73 12.06
CA PRO B 224 -5.15 10.55 11.96
C PRO B 224 -5.41 9.78 10.67
N LEU B 225 -4.38 9.08 10.21
CA LEU B 225 -4.50 8.24 9.02
C LEU B 225 -5.05 6.87 9.41
N LYS B 226 -5.92 6.33 8.56
CA LYS B 226 -6.43 4.98 8.73
C LYS B 226 -5.57 3.99 7.95
N CYS B 227 -5.29 2.85 8.57
CA CYS B 227 -4.39 1.85 8.00
C CYS B 227 -5.09 0.50 7.99
N PRO B 228 -6.12 0.33 7.15
CA PRO B 228 -6.80 -0.97 7.09
C PRO B 228 -5.91 -2.08 6.53
N GLU B 229 -4.84 -1.74 5.83
CA GLU B 229 -3.91 -2.72 5.31
C GLU B 229 -2.66 -2.85 6.16
N GLY B 230 -2.60 -2.15 7.29
CA GLY B 230 -1.46 -2.28 8.19
C GLY B 230 -0.21 -1.58 7.73
N ILE B 231 -0.33 -0.63 6.80
CA ILE B 231 0.82 0.13 6.34
C ILE B 231 1.14 1.15 7.43
N VAL B 232 2.34 1.05 7.99
CA VAL B 232 2.78 1.98 9.04
C VAL B 232 3.29 3.26 8.40
N PRO B 233 2.64 4.40 8.61
CA PRO B 233 3.15 5.64 8.03
C PRO B 233 4.50 6.01 8.63
N SER B 234 5.39 6.50 7.77
CA SER B 234 6.65 7.06 8.26
C SER B 234 6.37 8.25 9.17
N GLU B 235 7.26 8.49 10.12
CA GLU B 235 7.11 9.60 11.05
C GLU B 235 8.34 10.50 10.98
N LEU B 236 8.12 11.76 10.60
CA LEU B 236 9.21 12.72 10.47
C LEU B 236 9.18 13.69 11.63
N TYR B 237 10.35 13.99 12.17
CA TYR B 237 10.50 14.95 13.25
C TYR B 237 11.73 15.80 12.98
N ALA B 238 11.88 16.86 13.79
CA ALA B 238 13.00 17.79 13.64
C ALA B 238 14.25 17.28 14.32
N THR B 239 14.12 16.62 15.48
CA THR B 239 15.26 16.29 16.32
C THR B 239 15.43 14.77 16.47
N ARG B 240 16.68 14.36 16.75
CA ARG B 240 16.96 12.96 17.01
C ARG B 240 16.20 12.44 18.23
N TYR B 241 15.98 13.29 19.23
CA TYR B 241 15.28 12.85 20.43
C TYR B 241 13.84 12.42 20.11
N GLU B 242 13.14 13.21 19.31
CA GLU B 242 11.79 12.81 18.91
C GLU B 242 11.83 11.53 18.10
N VAL B 243 12.81 11.41 17.20
CA VAL B 243 12.89 10.22 16.36
C VAL B 243 13.07 8.97 17.22
N ASP B 244 14.01 9.03 18.18
CA ASP B 244 14.28 7.86 19.00
C ASP B 244 13.07 7.50 19.85
N MET B 245 12.40 8.51 20.43
CA MET B 245 11.20 8.25 21.23
C MET B 245 10.09 7.64 20.39
N ALA B 246 9.88 8.16 19.17
CA ALA B 246 8.84 7.61 18.30
C ALA B 246 9.14 6.15 17.96
N ASN B 247 10.38 5.85 17.59
CA ASN B 247 10.73 4.48 17.24
C ASN B 247 10.59 3.55 18.46
N SER B 248 10.87 4.06 19.66
CA SER B 248 10.69 3.25 20.85
C SER B 248 9.22 2.96 21.11
N ARG B 249 8.37 4.00 21.01
CA ARG B 249 6.94 3.80 21.21
C ARG B 249 6.40 2.69 20.34
N LYS B 250 6.69 2.75 19.04
CA LYS B 250 6.19 1.72 18.13
C LYS B 250 6.73 0.35 18.50
N LEU B 251 8.03 0.26 18.79
CA LEU B 251 8.61 -1.01 19.18
C LEU B 251 7.89 -1.60 20.40
N ASN B 252 7.47 -0.73 21.32
CA ASN B 252 6.81 -1.19 22.54
C ASN B 252 5.38 -1.65 22.30
N THR B 253 4.77 -1.28 21.17
CA THR B 253 3.43 -1.74 20.84
C THR B 253 3.44 -3.09 20.16
N ILE B 254 4.57 -3.52 19.61
CA ILE B 254 4.67 -4.83 18.98
C ILE B 254 4.65 -5.91 20.06
N GLN B 255 3.80 -6.92 19.87
CA GLN B 255 3.77 -8.03 20.82
C GLN B 255 4.99 -8.93 20.63
N GLY B 256 5.64 -9.25 21.72
CA GLY B 256 6.81 -10.12 21.70
C GLY B 256 7.86 -9.63 22.69
N ASP B 257 8.77 -10.53 23.05
CA ASP B 257 9.82 -10.18 23.99
C ASP B 257 10.86 -9.29 23.32
N VAL B 258 11.27 -8.24 24.02
CA VAL B 258 12.26 -7.32 23.48
C VAL B 258 13.64 -7.96 23.57
N VAL B 259 14.54 -7.56 22.68
CA VAL B 259 15.92 -7.99 22.72
C VAL B 259 16.79 -6.74 22.75
N VAL B 260 17.65 -6.65 23.76
CA VAL B 260 18.48 -5.46 23.99
C VAL B 260 19.92 -5.82 23.69
N TYR B 261 20.48 -5.15 22.69
CA TYR B 261 21.88 -5.30 22.30
C TYR B 261 22.63 -4.07 22.77
N ASN B 262 23.48 -4.23 23.78
CA ASN B 262 24.32 -3.14 24.22
C ASN B 262 25.64 -3.13 23.45
N SER B 263 26.22 -1.95 23.33
CA SER B 263 27.47 -1.76 22.61
C SER B 263 28.63 -1.67 23.59
N VAL B 264 29.73 -2.34 23.27
CA VAL B 264 30.99 -2.15 23.98
C VAL B 264 31.71 -0.96 23.34
N ASP B 265 32.38 -0.17 24.17
CA ASP B 265 33.05 1.06 23.71
C ASP B 265 34.46 1.10 24.31
N THR B 266 35.44 0.62 23.55
CA THR B 266 36.84 0.80 23.91
C THR B 266 37.29 2.21 23.52
N GLY B 267 38.14 2.81 24.34
CA GLY B 267 38.67 2.19 25.54
C GLY B 267 40.14 2.55 25.77
N ILE B 268 40.76 3.16 24.76
CA ILE B 268 42.10 3.73 24.91
C ILE B 268 42.07 5.25 25.04
N LEU B 269 40.93 5.88 24.75
CA LEU B 269 40.72 7.32 24.89
C LEU B 269 40.17 7.61 26.28
N PRO B 270 40.71 8.61 26.99
CA PRO B 270 40.29 8.86 28.37
C PRO B 270 38.80 9.16 28.48
N GLU B 271 38.33 9.15 29.74
CA GLU B 271 36.91 9.31 30.01
C GLU B 271 36.28 10.60 29.48
N PRO B 272 36.91 11.78 29.60
CA PRO B 272 36.23 13.00 29.14
C PRO B 272 35.89 13.01 27.66
N GLN B 273 36.67 12.32 26.83
CA GLN B 273 36.45 12.33 25.38
C GLN B 273 35.76 11.06 24.88
N LYS B 274 36.21 9.89 25.34
CA LYS B 274 35.65 8.64 24.84
C LYS B 274 34.16 8.51 25.18
N THR B 275 33.80 8.80 26.42
CA THR B 275 32.41 8.73 26.86
C THR B 275 31.52 9.77 26.21
N GLN B 276 32.05 10.65 25.36
CA GLN B 276 31.22 11.67 24.74
C GLN B 276 31.30 11.67 23.22
N VAL B 277 32.46 11.38 22.64
CA VAL B 277 32.64 11.47 21.19
C VAL B 277 31.75 10.51 20.45
N LEU B 278 31.28 9.46 21.11
CA LEU B 278 30.34 8.51 20.52
C LEU B 278 29.01 9.17 20.17
N THR B 279 28.77 10.42 20.62
CA THR B 279 27.52 11.10 20.37
C THR B 279 27.14 11.14 18.88
N ASN B 280 28.14 11.20 18.00
CA ASN B 280 27.88 11.33 16.58
C ASN B 280 27.96 10.00 15.82
N PHE B 281 28.40 8.92 16.47
CA PHE B 281 28.41 7.62 15.82
C PHE B 281 27.00 7.18 15.48
N LEU B 282 26.79 6.82 14.21
CA LEU B 282 25.48 6.35 13.79
C LEU B 282 25.11 5.03 14.46
N ALA B 283 26.10 4.17 14.70
CA ALA B 283 25.85 2.95 15.46
C ALA B 283 25.27 3.30 16.82
N PRO B 284 24.16 2.70 17.23
CA PRO B 284 23.52 3.09 18.49
C PRO B 284 24.16 2.41 19.68
N GLN B 285 24.22 3.15 20.79
CA GLN B 285 24.70 2.58 22.04
C GLN B 285 23.83 1.41 22.48
N VAL B 286 22.51 1.59 22.44
CA VAL B 286 21.54 0.58 22.83
C VAL B 286 20.65 0.29 21.64
N LEU B 287 20.62 -0.98 21.20
CA LEU B 287 19.81 -1.41 20.08
C LEU B 287 18.73 -2.35 20.61
N ASN B 288 17.48 -1.87 20.61
CA ASN B 288 16.34 -2.67 21.05
C ASN B 288 15.62 -3.18 19.80
N LEU B 289 15.44 -4.50 19.71
CA LEU B 289 14.80 -5.13 18.58
C LEU B 289 13.68 -6.06 19.05
N LYS B 290 12.76 -6.34 18.12
CA LYS B 290 11.73 -7.34 18.30
C LYS B 290 11.45 -7.96 16.95
N VAL B 291 10.84 -9.14 16.96
CA VAL B 291 10.40 -9.72 15.71
C VAL B 291 9.34 -8.80 15.11
N GLY B 292 9.65 -8.24 13.94
CA GLY B 292 8.78 -7.30 13.28
C GLY B 292 9.23 -5.86 13.37
N ALA B 293 10.36 -5.59 14.01
CA ALA B 293 10.90 -4.25 14.08
C ALA B 293 11.34 -3.78 12.69
N GLN B 294 10.95 -2.58 12.31
CA GLN B 294 11.38 -1.96 11.06
C GLN B 294 12.76 -1.37 11.28
N VAL B 295 13.75 -1.92 10.56
CA VAL B 295 15.14 -1.51 10.77
C VAL B 295 15.72 -0.98 9.47
N MET B 296 16.75 -0.17 9.62
CA MET B 296 17.56 0.31 8.50
C MET B 296 18.98 -0.17 8.70
N CYS B 297 19.56 -0.75 7.65
CA CYS B 297 20.97 -1.10 7.68
C CYS B 297 21.80 0.18 7.62
N ILE B 298 22.90 0.21 8.39
CA ILE B 298 23.75 1.40 8.44
C ILE B 298 25.20 1.09 8.06
N LYS B 299 25.41 0.07 7.23
CA LYS B 299 26.77 -0.25 6.79
C LYS B 299 26.70 -0.85 5.39
N ASN B 300 27.58 -0.35 4.51
CA ASN B 300 27.68 -0.85 3.14
C ASN B 300 28.43 -2.17 3.14
N PHE B 301 27.72 -3.26 2.84
CA PHE B 301 28.35 -4.57 2.72
C PHE B 301 28.73 -4.89 1.28
N ASP B 302 27.75 -4.87 0.38
CA ASP B 302 27.98 -5.12 -1.04
C ASP B 302 27.17 -4.09 -1.83
N ASP B 303 27.09 -4.28 -3.14
CA ASP B 303 26.34 -3.33 -3.97
C ASP B 303 24.82 -3.49 -3.83
N GLN B 304 24.33 -4.33 -2.92
CA GLN B 304 22.91 -4.51 -2.68
C GLN B 304 22.48 -4.23 -1.24
N LEU B 305 23.32 -4.51 -0.26
CA LEU B 305 23.06 -4.17 1.14
C LEU B 305 23.90 -2.94 1.48
N VAL B 306 23.24 -1.79 1.57
CA VAL B 306 23.94 -0.51 1.69
C VAL B 306 23.31 0.25 2.85
N ASN B 307 24.10 1.14 3.46
CA ASN B 307 23.55 2.08 4.44
C ASN B 307 22.30 2.75 3.86
N GLY B 308 21.17 2.53 4.50
CA GLY B 308 19.89 3.04 4.05
C GLY B 308 18.91 1.97 3.64
N THR B 309 19.37 0.72 3.48
CA THR B 309 18.47 -0.36 3.11
C THR B 309 17.50 -0.69 4.25
N LEU B 310 16.22 -0.72 3.93
CA LEU B 310 15.18 -1.00 4.91
C LEU B 310 14.90 -2.49 5.03
N GLY B 311 14.72 -2.95 6.27
CA GLY B 311 14.43 -4.35 6.50
C GLY B 311 13.56 -4.53 7.73
N LYS B 312 13.15 -5.77 7.95
CA LYS B 312 12.36 -6.14 9.12
C LYS B 312 13.03 -7.29 9.84
N VAL B 313 13.06 -7.22 11.16
CA VAL B 313 13.56 -8.31 11.99
C VAL B 313 12.50 -9.41 11.98
N ILE B 314 12.82 -10.54 11.35
CA ILE B 314 11.84 -11.62 11.22
C ILE B 314 12.09 -12.76 12.20
N ASP B 315 13.25 -12.82 12.85
CA ASP B 315 13.56 -13.87 13.82
C ASP B 315 14.91 -13.55 14.46
N PHE B 316 15.25 -14.30 15.50
CA PHE B 316 16.57 -14.28 16.13
C PHE B 316 17.16 -15.69 16.10
N VAL B 317 18.37 -15.81 15.57
CA VAL B 317 18.99 -17.10 15.29
C VAL B 317 20.37 -17.14 15.94
N ASP B 318 21.05 -18.27 15.78
CA ASP B 318 22.40 -18.45 16.30
C ASP B 318 23.23 -19.15 15.23
N ARG B 319 24.52 -19.37 15.53
CA ARG B 319 25.48 -19.90 14.57
C ARG B 319 25.34 -21.42 14.43
N ASP B 320 24.15 -21.84 13.99
CA ASP B 320 23.87 -23.25 13.74
C ASP B 320 23.84 -23.62 12.26
N THR B 321 23.40 -22.72 11.39
CA THR B 321 23.31 -23.01 9.96
C THR B 321 24.47 -22.39 9.19
N GLU B 338 26.10 -10.93 0.97
CA GLU B 338 27.02 -9.89 1.42
C GLU B 338 28.49 -10.20 1.09
N VAL B 339 29.39 -9.73 1.96
CA VAL B 339 30.83 -9.98 1.81
C VAL B 339 31.25 -11.16 2.68
N SER B 340 30.29 -11.94 3.17
CA SER B 340 30.41 -13.14 4.00
C SER B 340 30.76 -12.80 5.43
N GLY B 341 30.99 -11.52 5.75
CA GLY B 341 31.00 -11.06 7.12
C GLY B 341 29.60 -10.68 7.53
N LEU B 342 28.61 -11.32 6.92
CA LEU B 342 27.21 -11.23 7.31
C LEU B 342 26.58 -12.57 6.89
N ASN B 343 26.39 -13.47 7.84
CA ASN B 343 25.90 -14.82 7.52
C ASN B 343 24.68 -14.75 6.61
N ASP B 344 24.81 -15.34 5.42
CA ASP B 344 23.78 -15.23 4.40
C ASP B 344 22.54 -16.06 4.74
N LYS B 396 36.97 -11.08 17.60
CA LYS B 396 37.63 -10.07 18.41
C LYS B 396 36.82 -9.72 19.66
N ASP B 397 35.58 -10.20 19.70
CA ASP B 397 34.68 -9.98 20.83
C ASP B 397 33.84 -11.22 21.06
N TYR B 398 33.78 -11.69 22.30
CA TYR B 398 32.97 -12.84 22.66
C TYR B 398 31.67 -12.39 23.32
N LYS B 399 30.54 -12.75 22.72
CA LYS B 399 29.27 -12.80 23.44
C LYS B 399 28.48 -14.09 23.22
N ASN B 400 28.72 -14.82 22.13
CA ASN B 400 27.98 -16.03 21.76
C ASN B 400 26.49 -15.88 22.03
N LYS B 401 25.90 -14.84 21.45
CA LYS B 401 24.49 -14.52 21.65
C LYS B 401 23.71 -14.81 20.36
N LYS B 402 22.40 -14.55 20.43
CA LYS B 402 21.52 -14.72 19.28
C LYS B 402 21.56 -13.49 18.37
N TYR B 403 21.82 -13.72 17.08
CA TYR B 403 21.93 -12.60 16.15
C TYR B 403 20.59 -12.32 15.48
N PRO B 404 20.30 -11.05 15.17
CA PRO B 404 19.04 -10.73 14.48
C PRO B 404 19.06 -11.20 13.04
N LEU B 405 17.96 -11.81 12.63
CA LEU B 405 17.75 -12.22 11.25
C LEU B 405 16.77 -11.24 10.63
N VAL B 406 17.19 -10.58 9.56
CA VAL B 406 16.45 -9.45 9.00
C VAL B 406 16.20 -9.71 7.52
N LYS B 407 14.96 -9.54 7.08
CA LYS B 407 14.57 -9.62 5.69
C LYS B 407 14.56 -8.21 5.10
N PHE B 408 15.55 -7.90 4.27
CA PHE B 408 15.67 -6.59 3.65
C PHE B 408 14.87 -6.53 2.35
N LEU B 409 14.49 -5.31 1.97
CA LEU B 409 13.88 -5.04 0.67
C LEU B 409 14.85 -4.19 -0.14
N LEU B 410 15.29 -4.71 -1.29
CA LEU B 410 16.33 -4.05 -2.07
C LEU B 410 15.76 -2.81 -2.77
N PRO B 411 16.62 -1.94 -3.32
CA PRO B 411 16.11 -0.72 -3.97
C PRO B 411 15.18 -0.97 -5.14
N ASP B 412 15.25 -2.15 -5.78
CA ASP B 412 14.31 -2.45 -6.86
C ASP B 412 12.87 -2.50 -6.38
N GLY B 413 12.65 -2.69 -5.08
CA GLY B 413 11.31 -2.75 -4.52
C GLY B 413 10.62 -4.08 -4.67
N ILE B 414 11.29 -5.07 -5.26
CA ILE B 414 10.71 -6.37 -5.56
C ILE B 414 11.43 -7.49 -4.84
N THR B 415 12.76 -7.49 -4.89
CA THR B 415 13.54 -8.61 -4.39
C THR B 415 13.86 -8.42 -2.91
N PHE B 416 13.54 -9.43 -2.12
CA PHE B 416 13.95 -9.49 -0.72
C PHE B 416 15.25 -10.29 -0.59
N ARG B 417 16.03 -9.95 0.42
CA ARG B 417 17.23 -10.71 0.75
C ARG B 417 17.30 -10.84 2.27
N THR B 418 17.30 -12.08 2.76
CA THR B 418 17.33 -12.36 4.19
C THR B 418 18.76 -12.70 4.60
N VAL B 419 19.22 -12.05 5.66
CA VAL B 419 20.60 -12.19 6.12
C VAL B 419 20.63 -12.17 7.65
N VAL B 420 21.63 -12.85 8.21
CA VAL B 420 21.91 -12.80 9.63
C VAL B 420 22.87 -11.64 9.89
N VAL B 421 22.41 -10.64 10.63
CA VAL B 421 23.23 -9.46 10.91
C VAL B 421 24.15 -9.77 12.08
N GLU B 422 25.45 -9.58 11.87
CA GLU B 422 26.54 -9.72 12.81
C GLU B 422 26.98 -8.35 13.31
N PRO B 423 27.73 -8.29 14.42
CA PRO B 423 28.22 -6.99 14.87
C PRO B 423 29.33 -6.45 13.97
N GLU B 424 29.46 -5.13 13.99
CA GLU B 424 30.46 -4.41 13.22
C GLU B 424 31.12 -3.36 14.10
N GLN B 425 32.13 -2.68 13.58
CA GLN B 425 32.96 -1.78 14.36
C GLN B 425 33.11 -0.44 13.67
N TRP B 426 32.93 0.64 14.42
CA TRP B 426 33.06 2.01 13.94
C TRP B 426 34.14 2.69 14.75
N THR B 427 35.18 3.18 14.08
CA THR B 427 36.32 3.75 14.76
C THR B 427 36.68 5.10 14.16
N THR B 428 37.36 5.92 14.97
CA THR B 428 37.99 7.15 14.52
C THR B 428 39.46 7.07 14.90
N GLU B 429 40.33 7.00 13.89
CA GLU B 429 41.76 6.85 14.10
C GLU B 429 42.39 8.19 14.48
N ASP B 430 43.67 8.12 14.86
CA ASP B 430 44.46 9.27 15.27
C ASP B 430 45.63 9.47 14.31
N GLU B 431 45.35 9.28 13.01
CA GLU B 431 46.25 9.52 11.89
C GLU B 431 47.47 8.58 11.89
N ASP B 432 47.52 7.63 12.82
CA ASP B 432 48.50 6.55 12.76
C ASP B 432 47.87 5.21 13.13
N GLY B 433 46.56 5.07 12.91
CA GLY B 433 45.84 3.94 13.45
C GLY B 433 45.47 4.24 14.88
N THR B 434 45.92 3.40 15.82
CA THR B 434 45.99 3.76 17.23
C THR B 434 44.63 4.16 17.80
N VAL B 435 43.55 3.55 17.26
CA VAL B 435 42.21 4.11 17.35
C VAL B 435 41.92 4.56 18.77
N LEU B 436 41.49 5.81 18.90
CA LEU B 436 41.14 6.37 20.22
C LEU B 436 39.88 5.73 20.76
N VAL B 437 38.78 5.85 20.03
CA VAL B 437 37.45 5.44 20.47
C VAL B 437 36.85 4.51 19.42
N SER B 438 36.45 3.32 19.84
CA SER B 438 35.78 2.38 18.96
C SER B 438 34.33 2.20 19.41
N ARG B 439 33.59 1.43 18.63
CA ARG B 439 32.18 1.17 18.91
C ARG B 439 31.80 -0.11 18.18
N ILE B 440 31.41 -1.15 18.91
CA ILE B 440 31.00 -2.41 18.33
C ILE B 440 29.51 -2.60 18.60
N GLN B 441 28.77 -2.94 17.54
CA GLN B 441 27.31 -2.99 17.57
C GLN B 441 26.85 -3.62 16.27
N PHE B 442 25.61 -4.10 16.27
CA PHE B 442 24.99 -4.53 15.03
C PHE B 442 24.67 -3.31 14.18
N PRO B 443 24.92 -3.35 12.88
CA PRO B 443 24.66 -2.19 12.02
C PRO B 443 23.18 -2.05 11.65
N LEU B 444 22.33 -1.93 12.67
CA LEU B 444 20.91 -1.72 12.48
C LEU B 444 20.44 -0.58 13.38
N ILE B 445 19.46 0.18 12.88
CA ILE B 445 18.74 1.16 13.69
C ILE B 445 17.25 1.03 13.36
N LEU B 446 16.40 1.40 14.33
CA LEU B 446 14.98 1.44 14.07
C LEU B 446 14.66 2.50 13.03
N ALA B 447 13.67 2.22 12.19
CA ALA B 447 13.49 3.00 10.97
C ALA B 447 12.04 3.37 10.65
N TRP B 448 11.10 3.24 11.59
CA TRP B 448 9.79 3.84 11.38
C TRP B 448 9.91 5.36 11.28
N SER B 449 10.74 5.96 12.11
CA SER B 449 10.87 7.40 12.22
C SER B 449 12.26 7.84 11.78
N LEU B 450 12.35 9.02 11.19
CA LEU B 450 13.64 9.59 10.82
C LEU B 450 13.54 11.10 10.91
N SER B 451 14.70 11.75 10.89
CA SER B 451 14.77 13.20 10.97
C SER B 451 14.37 13.80 9.62
N ILE B 452 13.83 15.02 9.68
CA ILE B 452 13.47 15.71 8.44
C ILE B 452 14.70 15.91 7.57
N HIS B 453 15.86 16.15 8.19
CA HIS B 453 17.11 16.23 7.43
C HIS B 453 17.37 14.95 6.65
N LYS B 454 17.32 13.80 7.33
CA LYS B 454 17.60 12.53 6.67
C LYS B 454 16.53 12.18 5.64
N SER B 455 15.31 12.68 5.80
CA SER B 455 14.27 12.36 4.83
C SER B 455 14.41 13.16 3.54
N GLN B 456 15.22 14.21 3.50
CA GLN B 456 15.33 15.01 2.30
C GLN B 456 15.86 14.17 1.16
N GLY B 457 15.04 13.99 0.13
CA GLY B 457 15.30 13.08 -0.96
C GLY B 457 14.33 11.92 -1.03
N GLN B 458 13.66 11.59 0.07
CA GLN B 458 12.79 10.43 0.12
C GLN B 458 11.40 10.77 -0.41
N THR B 459 10.73 9.76 -0.94
CA THR B 459 9.33 9.84 -1.33
C THR B 459 8.53 8.94 -0.38
N LEU B 460 7.52 9.49 0.28
CA LEU B 460 6.78 8.79 1.32
C LEU B 460 5.30 8.71 0.96
N SER B 461 4.81 7.49 0.76
CA SER B 461 3.39 7.29 0.47
C SER B 461 2.53 7.66 1.67
N LYS B 462 2.86 7.13 2.85
CA LYS B 462 2.18 7.45 4.10
C LYS B 462 3.18 8.07 5.05
N VAL B 463 2.83 9.21 5.64
CA VAL B 463 3.79 9.89 6.49
C VAL B 463 3.06 10.79 7.47
N VAL B 464 3.47 10.74 8.74
CA VAL B 464 3.04 11.68 9.76
C VAL B 464 4.17 12.67 9.97
N VAL B 465 3.87 13.96 9.79
CA VAL B 465 4.84 15.03 9.99
C VAL B 465 4.44 15.79 11.25
N ASP B 466 5.32 15.78 12.25
CA ASP B 466 5.13 16.55 13.47
C ASP B 466 6.07 17.76 13.40
N MET B 467 5.49 18.95 13.29
CA MET B 467 6.24 20.17 13.08
C MET B 467 6.67 20.85 14.38
N LYS B 468 6.34 20.27 15.55
CA LYS B 468 6.41 21.02 16.80
C LYS B 468 7.80 21.57 17.06
N LYS B 469 8.86 20.84 16.70
CA LYS B 469 10.20 21.26 17.05
C LYS B 469 11.00 21.75 15.85
N ILE B 470 10.32 22.16 14.77
CA ILE B 470 11.02 22.64 13.58
C ILE B 470 11.70 23.98 13.89
N PHE B 471 12.94 24.13 13.43
CA PHE B 471 13.78 25.27 13.78
C PHE B 471 14.49 25.94 12.61
N GLU B 472 14.49 25.33 11.42
CA GLU B 472 15.39 25.73 10.34
C GLU B 472 14.62 26.12 9.10
N ASN B 473 15.23 27.00 8.30
CA ASN B 473 14.67 27.40 7.02
C ASN B 473 14.53 26.20 6.09
N GLY B 474 13.42 26.16 5.37
CA GLY B 474 13.14 25.06 4.47
C GLY B 474 12.75 23.75 5.14
N GLN B 475 12.87 23.64 6.47
CA GLN B 475 12.63 22.36 7.14
C GLN B 475 11.17 21.93 7.04
N ALA B 476 10.24 22.88 7.20
CA ALA B 476 8.83 22.56 6.98
C ALA B 476 8.58 22.12 5.54
N TYR B 477 9.09 22.89 4.57
CA TYR B 477 8.91 22.54 3.17
C TYR B 477 9.40 21.13 2.88
N VAL B 478 10.59 20.79 3.37
CA VAL B 478 11.13 19.45 3.14
C VAL B 478 10.20 18.39 3.75
N ALA B 479 9.79 18.59 5.01
CA ALA B 479 8.97 17.60 5.69
C ALA B 479 7.67 17.36 4.94
N LEU B 480 6.93 18.41 4.64
CA LEU B 480 5.62 18.24 4.01
C LEU B 480 5.71 17.83 2.56
N SER B 481 6.82 18.09 1.87
CA SER B 481 6.91 17.72 0.47
C SER B 481 7.35 16.28 0.26
N ARG B 482 7.58 15.55 1.35
CA ARG B 482 7.90 14.12 1.23
C ARG B 482 6.68 13.31 0.81
N ALA B 483 5.49 13.81 1.09
CA ALA B 483 4.26 13.05 0.93
C ALA B 483 3.83 12.97 -0.54
N VAL B 484 3.37 11.79 -0.95
CA VAL B 484 2.84 11.64 -2.30
C VAL B 484 1.49 12.32 -2.44
N SER B 485 0.66 12.26 -1.39
CA SER B 485 -0.70 12.78 -1.48
C SER B 485 -1.15 13.25 -0.10
N ARG B 486 -2.13 14.15 -0.10
CA ARG B 486 -2.70 14.61 1.16
C ARG B 486 -3.45 13.48 1.86
N ALA B 487 -4.00 12.52 1.11
CA ALA B 487 -4.65 11.39 1.75
C ALA B 487 -3.69 10.54 2.55
N GLY B 488 -2.39 10.56 2.23
CA GLY B 488 -1.44 9.77 2.97
C GLY B 488 -0.55 10.61 3.88
N LEU B 489 -1.04 11.79 4.25
CA LEU B 489 -0.27 12.73 5.05
C LEU B 489 -1.09 13.19 6.25
N GLN B 490 -0.51 13.07 7.43
CA GLN B 490 -1.00 13.72 8.64
C GLN B 490 -0.02 14.80 9.07
N VAL B 491 -0.54 15.96 9.46
CA VAL B 491 0.28 17.11 9.85
C VAL B 491 -0.08 17.47 11.28
N LEU B 492 0.90 17.41 12.17
CA LEU B 492 0.72 17.70 13.59
C LEU B 492 1.43 19.01 13.91
N ASN B 493 0.72 19.91 14.61
CA ASN B 493 1.30 21.14 15.16
C ASN B 493 1.76 22.10 14.07
N PHE B 494 0.99 22.19 12.98
CA PHE B 494 1.33 23.13 11.92
C PHE B 494 1.27 24.56 12.45
N ASN B 495 2.19 25.40 11.97
CA ASN B 495 2.22 26.80 12.34
C ASN B 495 3.13 27.52 11.35
N ARG B 496 2.67 28.70 10.90
CA ARG B 496 3.44 29.44 9.89
C ARG B 496 4.80 29.89 10.42
N SER B 497 4.93 30.05 11.74
CA SER B 497 6.21 30.41 12.33
C SER B 497 7.26 29.34 12.10
N LYS B 498 6.85 28.12 11.77
CA LYS B 498 7.76 27.05 11.43
C LYS B 498 8.19 27.06 9.97
N VAL B 499 7.57 27.88 9.13
CA VAL B 499 7.81 27.91 7.69
C VAL B 499 8.63 29.16 7.37
N ALA B 500 9.87 28.96 6.94
CA ALA B 500 10.68 30.09 6.51
C ALA B 500 11.72 29.64 5.50
N SER B 501 12.29 30.60 4.80
CA SER B 501 13.38 30.38 3.86
C SER B 501 14.44 31.43 4.11
N HIS B 502 15.47 31.49 3.27
CA HIS B 502 16.55 32.45 3.45
C HIS B 502 16.50 33.51 2.36
N ARG B 503 16.91 34.73 2.73
CA ARG B 503 16.88 35.84 1.78
C ARG B 503 17.77 35.56 0.58
N LYS B 504 18.98 35.03 0.83
CA LYS B 504 19.89 34.71 -0.27
C LYS B 504 19.27 33.72 -1.26
N VAL B 505 18.63 32.67 -0.75
CA VAL B 505 17.98 31.70 -1.62
C VAL B 505 16.92 32.37 -2.49
N ILE B 506 16.04 33.15 -1.86
CA ILE B 506 15.03 33.90 -2.60
C ILE B 506 15.69 34.82 -3.62
N GLU B 507 16.79 35.46 -3.23
CA GLU B 507 17.52 36.32 -4.15
C GLU B 507 18.22 35.51 -5.23
N PHE B 508 18.78 34.35 -4.86
CA PHE B 508 19.41 33.46 -5.82
C PHE B 508 18.43 33.02 -6.90
N TYR B 509 17.23 32.61 -6.51
CA TYR B 509 16.26 32.13 -7.48
C TYR B 509 15.60 33.26 -8.26
N LYS B 510 15.46 34.44 -7.65
CA LYS B 510 15.01 35.61 -8.39
C LYS B 510 15.98 35.94 -9.51
N ASN B 511 17.28 35.93 -9.22
CA ASN B 511 18.28 36.22 -10.25
C ASN B 511 18.30 35.13 -11.31
N LEU B 512 18.12 33.87 -10.91
CA LEU B 512 17.98 32.79 -11.90
C LEU B 512 16.84 33.08 -12.86
N SER B 513 15.64 33.34 -12.31
CA SER B 513 14.49 33.66 -13.15
C SER B 513 14.78 34.84 -14.06
N SER B 514 15.50 35.85 -13.56
CA SER B 514 15.89 36.99 -14.39
C SER B 514 16.60 36.54 -15.66
N HIS B 515 17.58 35.66 -15.51
CA HIS B 515 18.39 35.20 -16.65
C HIS B 515 17.83 33.91 -17.24
N GLU B 516 16.62 34.02 -17.78
CA GLU B 516 15.96 32.88 -18.42
C GLU B 516 15.38 33.29 -19.77
#